data_7JU9
#
_entry.id   7JU9
#
_entity_poly.entity_id   1
_entity_poly.type   'polypeptide(L)'
_entity_poly.pdbx_seq_one_letter_code
;GRID(DBU)CPAGGG(DBB)(DAL)EQ(DBB)G(DBU)CC
;
_entity_poly.pdbx_strand_id   A
#
# COMPACT_ATOMS: atom_id res chain seq x y z
N GLY A 1 6.75 -6.87 -0.27
CA GLY A 1 5.34 -7.05 -0.71
C GLY A 1 4.47 -5.93 -0.12
N ARG A 2 3.80 -6.24 0.97
CA ARG A 2 2.94 -5.26 1.63
C ARG A 2 3.77 -4.14 2.22
N ILE A 3 3.21 -2.94 2.27
CA ILE A 3 3.91 -1.79 2.81
C ILE A 3 5.01 -1.33 1.85
N ASP A 4 5.34 -2.18 0.88
CA ASP A 4 6.38 -1.85 -0.09
C ASP A 4 5.96 -0.64 -0.91
N DBU A 5 4.70 -0.59 -1.30
CA DBU A 5 4.20 0.49 -2.07
CB DBU A 5 4.45 0.79 -3.42
CG DBU A 5 5.32 -0.01 -4.34
C DBU A 5 3.30 1.35 -1.23
O DBU A 5 2.97 2.49 -1.59
H DBU A 5 4.08 -1.31 -1.06
HB DBU A 5 3.97 1.66 -3.84
HG1 DBU A 5 5.78 0.64 -5.06
HG2 DBU A 5 6.09 -0.52 -3.76
HG3 DBU A 5 4.72 -0.75 -4.86
N CYS A 6 2.90 0.83 -0.08
CA CYS A 6 2.03 1.56 0.83
C CYS A 6 2.64 1.63 2.23
N PRO A 7 3.77 2.28 2.35
CA PRO A 7 4.47 2.43 3.66
C PRO A 7 3.61 3.14 4.69
N ALA A 8 3.70 2.73 5.94
CA ALA A 8 2.92 3.34 7.01
C ALA A 8 1.47 3.49 6.59
N GLY A 9 1.10 2.79 5.51
CA GLY A 9 -0.28 2.86 5.01
C GLY A 9 -0.94 1.49 5.08
N GLY A 10 -1.77 1.28 6.10
CA GLY A 10 -2.47 0.02 6.26
C GLY A 10 -3.41 -0.22 5.09
N GLY A 11 -4.01 0.86 4.60
CA GLY A 11 -4.93 0.77 3.47
C GLY A 11 -4.20 1.04 2.16
N DBB A 12 -3.20 0.21 1.87
CA DBB A 12 -2.42 0.37 0.64
C DBB A 12 -3.26 0.06 -0.60
O DBB A 12 -2.78 -0.55 -1.55
CB DBB A 12 -1.88 1.81 0.54
CG DBB A 12 -1.44 2.07 -0.89
H DBB A 12 -2.98 -0.51 2.48
HA DBB A 12 -1.59 -0.31 0.68
HB2 DBB A 12 -2.66 2.51 0.81
HG1 DBB A 12 -0.74 2.89 -0.91
HG2 DBB A 12 -2.30 2.31 -1.49
HG3 DBB A 12 -0.97 1.19 -1.29
N DAL A 13 -4.52 0.48 -0.59
CA DAL A 13 -5.42 0.25 -1.71
CB DAL A 13 -5.49 -1.25 -2.01
C DAL A 13 -4.91 1.00 -2.97
O DAL A 13 -3.76 0.81 -3.36
H DAL A 13 -4.86 0.97 0.20
HA DAL A 13 -6.40 0.58 -1.45
HB1 DAL A 13 -4.60 -1.75 -1.65
HB2 DAL A 13 -6.36 -1.68 -1.52
N GLU A 14 -5.76 1.83 -3.57
CA GLU A 14 -5.34 2.58 -4.75
C GLU A 14 -4.31 3.65 -4.38
N GLN A 15 -4.05 3.77 -3.08
CA GLN A 15 -3.09 4.75 -2.58
C GLN A 15 -1.68 4.41 -3.04
N DBB A 16 -1.43 3.13 -3.31
CA DBB A 16 -0.11 2.67 -3.75
C DBB A 16 0.06 1.18 -3.51
O DBB A 16 -0.91 0.48 -3.19
CB DBB A 16 0.09 2.98 -5.24
CG DBB A 16 -0.73 4.21 -5.60
H DBB A 16 -2.15 2.47 -3.19
HA DBB A 16 0.64 3.21 -3.18
HB2 DBB A 16 1.13 3.19 -5.43
HG1 DBB A 16 -1.75 4.09 -5.26
HG2 DBB A 16 -0.72 4.34 -6.68
HG3 DBB A 16 -0.31 5.09 -5.13
N GLY A 17 1.29 0.70 -3.67
CA GLY A 17 1.60 -0.71 -3.47
C GLY A 17 0.35 -1.53 -3.15
N DBU A 18 0.25 -1.98 -1.90
CA DBU A 18 -0.85 -2.74 -1.45
CB DBU A 18 -1.28 -2.96 -0.14
CG DBU A 18 -0.60 -2.41 1.10
C DBU A 18 -1.63 -3.35 -2.59
O DBU A 18 -1.42 -4.50 -2.98
H DBU A 18 0.96 -1.78 -1.26
HB DBU A 18 -2.14 -3.57 0.04
HG1 DBU A 18 -1.34 -1.94 1.73
HG2 DBU A 18 -0.13 -3.23 1.65
HG3 DBU A 18 0.15 -1.69 0.81
N CYS A 19 -2.54 -2.56 -3.14
CA CYS A 19 -3.38 -3.02 -4.24
C CYS A 19 -3.30 -2.04 -5.42
N CYS A 20 -2.91 -0.81 -5.14
CA CYS A 20 -2.81 0.20 -6.19
C CYS A 20 -2.02 -0.33 -7.38
N GLY A 1 6.45 -5.65 -2.32
CA GLY A 1 6.86 -5.26 -0.94
C GLY A 1 5.67 -4.65 -0.20
N ARG A 2 4.48 -4.88 -0.74
CA ARG A 2 3.27 -4.35 -0.13
C ARG A 2 3.53 -2.97 0.48
N ILE A 3 3.96 -2.95 1.73
CA ILE A 3 4.24 -1.69 2.42
C ILE A 3 5.27 -0.88 1.64
N ASP A 4 5.85 -1.49 0.61
CA ASP A 4 6.85 -0.82 -0.21
C ASP A 4 6.21 0.33 -0.98
N DBU A 5 4.99 0.12 -1.45
CA DBU A 5 4.30 1.12 -2.17
CB DBU A 5 4.36 1.39 -3.55
CG DBU A 5 5.21 0.65 -4.54
C DBU A 5 3.41 1.93 -1.26
O DBU A 5 3.18 3.11 -1.47
H DBU A 5 4.54 -0.74 -1.29
HB DBU A 5 3.75 2.20 -3.94
HG1 DBU A 5 5.06 1.06 -5.53
HG2 DBU A 5 6.26 0.74 -4.26
HG3 DBU A 5 4.94 -0.40 -4.53
N CYS A 6 2.90 1.27 -0.22
CA CYS A 6 2.03 1.93 0.74
C CYS A 6 2.64 1.89 2.13
N PRO A 7 3.66 2.66 2.35
CA PRO A 7 4.37 2.72 3.66
C PRO A 7 3.42 3.06 4.81
N ALA A 8 3.54 2.33 5.92
CA ALA A 8 2.68 2.57 7.07
C ALA A 8 1.28 2.97 6.63
N GLY A 9 0.89 2.52 5.44
CA GLY A 9 -0.43 2.85 4.91
C GLY A 9 -1.29 1.59 4.80
N GLY A 10 -1.53 0.94 5.94
CA GLY A 10 -2.35 -0.27 5.95
C GLY A 10 -3.32 -0.28 4.78
N GLY A 11 -3.95 0.86 4.53
CA GLY A 11 -4.90 0.97 3.42
C GLY A 11 -4.18 1.26 2.11
N DBB A 12 -3.17 0.45 1.79
CA DBB A 12 -2.41 0.64 0.58
C DBB A 12 -3.26 0.31 -0.65
O DBB A 12 -2.77 -0.26 -1.63
CB DBB A 12 -1.91 2.08 0.48
CG DBB A 12 -1.48 2.36 -0.96
H DBB A 12 -2.94 -0.28 2.40
HA DBB A 12 -1.55 -0.03 0.59
HB2 DBB A 12 -2.70 2.76 0.74
HG1 DBB A 12 -1.02 1.48 -1.38
HG2 DBB A 12 -0.77 3.18 -0.97
HG3 DBB A 12 -2.35 2.63 -1.55
N DAL A 13 -4.53 0.67 -0.59
CA DAL A 13 -5.45 0.41 -1.70
CB DAL A 13 -5.59 -1.09 -1.92
C DAL A 13 -4.88 1.09 -2.96
O DAL A 13 -3.67 1.23 -3.07
H DAL A 13 -4.87 1.11 0.22
HA DAL A 13 -6.41 0.82 -1.46
HB1 DAL A 13 -4.83 -1.61 -1.36
HB2 DAL A 13 -6.57 -1.42 -1.59
N GLU A 14 -5.75 1.51 -3.86
CA GLU A 14 -5.30 2.17 -5.09
C GLU A 14 -4.34 3.31 -4.75
N GLN A 15 -4.24 3.65 -3.47
CA GLN A 15 -3.35 4.71 -3.03
C GLN A 15 -1.91 4.39 -3.41
N DBB A 16 -1.60 3.10 -3.50
CA DBB A 16 -0.25 2.67 -3.85
C DBB A 16 -0.01 1.23 -3.42
O DBB A 16 -0.96 0.45 -3.31
CB DBB A 16 -0.03 2.80 -5.36
CG DBB A 16 0.24 4.26 -5.69
H DBB A 16 -2.29 2.42 -3.32
HA DBB A 16 0.46 3.31 -3.34
HB2 DBB A 16 0.81 2.20 -5.67
HG1 DBB A 16 -0.67 4.73 -6.04
HG2 DBB A 16 0.99 4.32 -6.47
HG3 DBB A 16 0.59 4.77 -4.81
N GLY A 17 1.24 0.89 -3.17
CA GLY A 17 1.59 -0.47 -2.75
C GLY A 17 0.44 -1.12 -2.01
N DBU A 18 0.36 -2.45 -2.08
CA DBU A 18 -0.67 -3.15 -1.42
CB DBU A 18 -0.84 -3.37 -0.05
CG DBU A 18 0.07 -2.85 1.02
C DBU A 18 -1.64 -3.72 -2.43
O DBU A 18 -1.75 -4.92 -2.62
H DBU A 18 1.02 -2.95 -2.60
HB DBU A 18 -1.69 -3.95 0.27
HG1 DBU A 18 -0.47 -2.16 1.66
HG2 DBU A 18 0.44 -3.67 1.61
HG3 DBU A 18 0.91 -2.33 0.57
N CYS A 19 -2.37 -2.83 -3.09
CA CYS A 19 -3.35 -3.24 -4.08
C CYS A 19 -3.28 -2.36 -5.33
N CYS A 20 -2.46 -1.30 -5.27
CA CYS A 20 -2.31 -0.41 -6.42
C CYS A 20 -2.23 -1.19 -7.72
N GLY A 1 8.46 -5.70 0.02
CA GLY A 1 7.34 -6.13 0.91
C GLY A 1 6.10 -5.31 0.60
N ARG A 2 4.95 -5.76 1.09
CA ARG A 2 3.69 -5.06 0.86
C ARG A 2 3.74 -3.67 1.48
N ILE A 3 4.34 -3.58 2.66
CA ILE A 3 4.45 -2.29 3.35
C ILE A 3 5.38 -1.35 2.59
N ASP A 4 6.30 -1.93 1.83
CA ASP A 4 7.25 -1.12 1.05
C ASP A 4 6.51 -0.30 0.00
N DBU A 5 5.50 -0.90 -0.63
CA DBU A 5 4.76 -0.23 -1.61
CB DBU A 5 4.74 -0.44 -2.99
CG DBU A 5 5.55 -1.49 -3.71
C DBU A 5 3.91 0.85 -0.96
O DBU A 5 4.15 2.04 -1.10
H DBU A 5 5.28 -1.83 -0.40
HB DBU A 5 4.10 0.18 -3.61
HG1 DBU A 5 5.24 -2.47 -3.38
HG2 DBU A 5 5.39 -1.40 -4.78
HG3 DBU A 5 6.60 -1.34 -3.50
N CYS A 6 2.89 0.39 -0.24
CA CYS A 6 1.99 1.31 0.45
C CYS A 6 2.72 1.98 1.62
N PRO A 7 2.52 3.26 1.79
CA PRO A 7 3.17 4.05 2.88
C PRO A 7 2.59 3.71 4.25
N ALA A 8 2.60 2.42 4.60
CA ALA A 8 2.08 1.98 5.89
C ALA A 8 0.74 2.66 6.18
N GLY A 9 -0.05 2.84 5.12
CA GLY A 9 -1.36 3.48 5.27
C GLY A 9 -2.47 2.44 5.39
N GLY A 10 -2.07 1.19 5.56
CA GLY A 10 -3.04 0.11 5.68
C GLY A 10 -3.64 -0.22 4.32
N GLY A 11 -4.77 0.40 4.00
CA GLY A 11 -5.42 0.18 2.72
C GLY A 11 -4.38 -0.18 1.67
N DBB A 12 -3.54 0.78 1.33
CA DBB A 12 -2.50 0.57 0.34
C DBB A 12 -3.11 0.33 -1.03
O DBB A 12 -2.43 -0.14 -1.93
CB DBB A 12 -1.56 1.78 0.28
CG DBB A 12 -0.86 1.78 -1.07
H DBB A 12 -3.62 1.66 1.75
HA DBB A 12 -1.93 -0.30 0.62
HB2 DBB A 12 -2.15 2.69 0.37
HG1 DBB A 12 0.01 2.43 -1.03
HG2 DBB A 12 -1.54 2.14 -1.83
HG3 DBB A 12 -0.55 0.78 -1.32
N DAL A 13 -4.40 0.65 -1.17
CA DAL A 13 -5.09 0.48 -2.45
CB DAL A 13 -4.48 -0.71 -3.17
C DAL A 13 -4.95 1.71 -3.35
O DAL A 13 -4.30 1.65 -4.39
H DAL A 13 -4.88 1.02 -0.42
HA DAL A 13 -6.13 0.27 -2.27
HB1 DAL A 13 -5.12 -1.00 -3.99
HB2 DAL A 13 -3.51 -0.45 -3.53
N GLU A 14 -5.58 2.82 -2.94
CA GLU A 14 -5.49 4.04 -3.75
C GLU A 14 -4.09 4.63 -3.71
N GLN A 15 -3.36 4.34 -2.64
CA GLN A 15 -2.00 4.84 -2.48
C GLN A 15 -1.02 4.06 -3.35
N DBB A 16 -1.46 2.95 -3.91
CA DBB A 16 -0.59 2.12 -4.76
C DBB A 16 -0.05 0.92 -3.99
O DBB A 16 -0.83 0.17 -3.40
CB DBB A 16 -1.37 1.65 -6.00
CG DBB A 16 -2.16 2.82 -6.57
H DBB A 16 -2.38 2.66 -3.75
HA DBB A 16 0.25 2.73 -5.09
HB2 DBB A 16 -0.67 1.30 -6.75
HG1 DBB A 16 -2.59 3.40 -5.75
HG2 DBB A 16 -2.95 2.45 -7.20
HG3 DBB A 16 -1.50 3.46 -7.14
N GLY A 17 1.26 0.75 -4.01
CA GLY A 17 1.90 -0.37 -3.33
C GLY A 17 0.88 -1.43 -2.90
N DBU A 18 0.92 -1.80 -1.62
CA DBU A 18 0.04 -2.77 -1.08
CB DBU A 18 -0.23 -3.05 0.27
CG DBU A 18 0.37 -2.36 1.48
C DBU A 18 -0.67 -3.57 -2.13
O DBU A 18 -0.14 -4.50 -2.75
H DBU A 18 1.57 -1.39 -1.01
HB DBU A 18 -0.94 -3.83 0.49
HG1 DBU A 18 0.51 -3.08 2.27
HG2 DBU A 18 1.32 -1.93 1.21
HG3 DBU A 18 -0.29 -1.57 1.81
N CYS A 19 -1.93 -3.20 -2.33
CA CYS A 19 -2.78 -3.87 -3.31
C CYS A 19 -2.25 -3.63 -4.72
N CYS A 20 -1.82 -2.41 -4.99
CA CYS A 20 -1.29 -2.06 -6.31
C CYS A 20 0.20 -1.78 -6.24
N GLY A 1 7.00 -6.61 -1.69
CA GLY A 1 6.72 -5.82 -0.46
C GLY A 1 5.55 -4.87 -0.72
N ARG A 2 4.36 -5.27 -0.27
CA ARG A 2 3.17 -4.46 -0.44
C ARG A 2 3.31 -3.14 0.29
N ILE A 3 3.90 -3.20 1.49
CA ILE A 3 4.09 -2.01 2.30
C ILE A 3 5.09 -1.08 1.63
N ASP A 4 5.97 -1.64 0.81
CA ASP A 4 6.97 -0.86 0.11
C ASP A 4 6.30 0.15 -0.84
N DBU A 5 5.27 -0.30 -1.54
CA DBU A 5 4.59 0.54 -2.43
CB DBU A 5 4.44 0.42 -3.82
CG DBU A 5 5.02 -0.69 -4.67
C DBU A 5 3.98 1.69 -1.68
O DBU A 5 4.18 2.86 -2.01
H DBU A 5 4.98 -1.24 -1.44
HB DBU A 5 3.89 1.18 -4.35
HG1 DBU A 5 4.37 -1.55 -4.62
HG2 DBU A 5 5.09 -0.36 -5.69
HG3 DBU A 5 6.00 -0.95 -4.32
N CYS A 6 3.23 1.35 -0.63
CA CYS A 6 2.59 2.38 0.19
C CYS A 6 2.86 2.11 1.66
N PRO A 7 4.01 2.50 2.14
CA PRO A 7 4.41 2.29 3.56
C PRO A 7 3.47 3.00 4.52
N ALA A 8 3.21 2.37 5.66
CA ALA A 8 2.32 2.95 6.66
C ALA A 8 1.01 3.39 6.02
N GLY A 9 0.75 2.92 4.81
CA GLY A 9 -0.47 3.29 4.11
C GLY A 9 -1.66 2.51 4.66
N GLY A 10 -1.37 1.47 5.44
CA GLY A 10 -2.44 0.65 6.03
C GLY A 10 -3.26 -0.03 4.94
N GLY A 11 -4.22 0.70 4.39
CA GLY A 11 -5.06 0.16 3.34
C GLY A 11 -4.22 -0.24 2.15
N DBB A 12 -3.22 0.58 1.85
CA DBB A 12 -2.34 0.31 0.73
C DBB A 12 -3.20 0.07 -0.52
O DBB A 12 -2.84 -0.70 -1.40
CB DBB A 12 -1.39 1.51 0.53
CG DBB A 12 -1.66 2.19 -0.81
H DBB A 12 -3.08 1.37 2.38
HA DBB A 12 -1.75 -0.57 0.93
HB2 DBB A 12 -1.56 2.23 1.32
HG1 DBB A 12 -1.41 1.50 -1.62
HG2 DBB A 12 -1.05 3.07 -0.90
HG3 DBB A 12 -2.70 2.46 -0.88
N DAL A 13 -4.33 0.74 -0.56
CA DAL A 13 -5.26 0.60 -1.67
CB DAL A 13 -5.56 -0.87 -1.89
C DAL A 13 -4.65 1.23 -2.93
O DAL A 13 -3.45 1.50 -2.97
H DAL A 13 -4.57 1.34 0.19
HA DAL A 13 -6.17 1.11 -1.42
HB1 DAL A 13 -4.77 -1.48 -1.46
HB2 DAL A 13 -6.49 -1.11 -1.42
N GLU A 14 -5.47 1.47 -3.95
CA GLU A 14 -4.96 2.09 -5.17
C GLU A 14 -4.01 3.22 -4.80
N GLN A 15 -4.11 3.69 -3.56
CA GLN A 15 -3.26 4.77 -3.08
C GLN A 15 -1.78 4.40 -3.24
N DBB A 16 -1.52 3.15 -3.60
CA DBB A 16 -0.15 2.69 -3.79
C DBB A 16 0.01 1.25 -3.31
O DBB A 16 -0.95 0.47 -3.35
CB DBB A 16 0.23 2.79 -5.26
CG DBB A 16 0.59 4.24 -5.58
H DBB A 16 -2.26 2.53 -3.73
HA DBB A 16 0.51 3.32 -3.22
HB2 DBB A 16 1.09 2.15 -5.47
HG1 DBB A 16 1.03 4.28 -6.57
HG2 DBB A 16 1.30 4.60 -4.86
HG3 DBB A 16 -0.30 4.84 -5.56
N GLY A 17 1.20 0.89 -2.88
CA GLY A 17 1.47 -0.46 -2.40
C GLY A 17 0.22 -1.07 -1.80
N DBU A 18 0.13 -2.39 -1.82
CA DBU A 18 -1.02 -2.98 -1.26
CB DBU A 18 -1.36 -3.13 0.09
CG DBU A 18 -0.56 -2.68 1.28
C DBU A 18 -1.94 -3.49 -2.36
O DBU A 18 -2.03 -4.70 -2.59
H DBU A 18 0.86 -2.93 -2.22
HB DBU A 18 -2.30 -3.62 0.32
HG1 DBU A 18 -0.20 -3.55 1.82
HG2 DBU A 18 0.29 -2.11 0.93
HG3 DBU A 18 -1.17 -2.06 1.93
N CYS A 19 -2.63 -2.57 -3.01
CA CYS A 19 -3.56 -2.93 -4.06
C CYS A 19 -3.43 -1.98 -5.25
N CYS A 20 -2.32 -1.25 -5.33
CA CYS A 20 -2.11 -0.32 -6.43
C CYS A 20 -2.04 -1.06 -7.76
N GLY A 1 7.20 -6.29 -3.03
CA GLY A 1 7.03 -5.69 -1.67
C GLY A 1 5.70 -4.95 -1.62
N ARG A 2 4.76 -5.50 -0.85
CA ARG A 2 3.44 -4.88 -0.73
C ARG A 2 3.56 -3.49 -0.10
N ILE A 3 4.37 -3.38 0.94
CA ILE A 3 4.57 -2.11 1.62
C ILE A 3 5.50 -1.22 0.82
N ASP A 4 5.98 -1.73 -0.31
CA ASP A 4 6.88 -0.97 -1.16
C ASP A 4 6.21 0.30 -1.66
N DBU A 5 4.94 0.19 -2.02
CA DBU A 5 4.22 1.32 -2.50
CB DBU A 5 4.06 1.76 -3.81
CG DBU A 5 4.65 1.08 -5.02
C DBU A 5 3.60 2.06 -1.34
O DBU A 5 4.00 3.17 -0.99
H DBU A 5 4.49 -0.67 -1.97
HB DBU A 5 3.47 2.65 -4.00
HG1 DBU A 5 4.24 0.09 -5.12
HG2 DBU A 5 4.40 1.65 -5.91
HG3 DBU A 5 5.72 1.03 -4.92
N CYS A 6 2.60 1.43 -0.73
CA CYS A 6 1.90 2.04 0.41
C CYS A 6 2.85 2.15 1.60
N PRO A 7 3.25 3.34 1.94
CA PRO A 7 4.17 3.57 3.09
C PRO A 7 3.46 3.36 4.43
N ALA A 8 3.81 2.29 5.12
CA ALA A 8 3.21 1.98 6.41
C ALA A 8 1.72 2.31 6.39
N GLY A 9 1.15 2.36 5.19
CA GLY A 9 -0.28 2.67 5.05
C GLY A 9 -1.10 1.39 4.99
N GLY A 10 -1.97 1.20 5.98
CA GLY A 10 -2.81 0.02 6.03
C GLY A 10 -3.74 -0.01 4.82
N GLY A 11 -4.16 1.16 4.36
CA GLY A 11 -5.04 1.26 3.21
C GLY A 11 -4.24 1.50 1.93
N DBB A 12 -3.31 0.60 1.65
CA DBB A 12 -2.47 0.71 0.45
C DBB A 12 -3.29 0.44 -0.81
O DBB A 12 -2.80 -0.18 -1.75
CB DBB A 12 -1.84 2.11 0.37
CG DBB A 12 -1.31 2.32 -1.04
H DBB A 12 -3.16 -0.15 2.26
HA DBB A 12 -1.67 -0.02 0.52
HB2 DBB A 12 -2.60 2.85 0.58
HG1 DBB A 12 -2.13 2.57 -1.70
HG2 DBB A 12 -0.83 1.42 -1.40
HG3 DBB A 12 -0.58 3.12 -1.04
N DAL A 13 -4.53 0.91 -0.81
CA DAL A 13 -5.41 0.72 -1.95
CB DAL A 13 -5.60 -0.78 -2.20
C DAL A 13 -4.81 1.40 -3.20
O DAL A 13 -3.72 1.03 -3.63
H DAL A 13 -4.87 1.41 -0.03
HA DAL A 13 -6.38 1.15 -1.72
HB1 DAL A 13 -4.99 -1.34 -1.52
HB2 DAL A 13 -6.63 -1.04 -2.05
N GLU A 14 -5.52 2.38 -3.77
CA GLU A 14 -5.01 3.05 -4.97
C GLU A 14 -3.81 3.93 -4.61
N GLN A 15 -3.57 4.09 -3.31
CA GLN A 15 -2.45 4.90 -2.85
C GLN A 15 -1.12 4.29 -3.31
N DBB A 16 -1.12 2.99 -3.57
CA DBB A 16 0.08 2.30 -4.01
C DBB A 16 0.11 0.87 -3.49
O DBB A 16 -0.91 0.18 -3.49
CB DBB A 16 0.14 2.29 -5.55
CG DBB A 16 0.39 3.72 -6.04
H DBB A 16 -1.96 2.48 -3.45
HA DBB A 16 0.95 2.83 -3.64
HB2 DBB A 16 0.96 1.67 -5.88
HG1 DBB A 16 0.92 3.69 -6.98
HG2 DBB A 16 0.97 4.25 -5.30
HG3 DBB A 16 -0.57 4.22 -6.19
N GLY A 17 1.28 0.42 -3.07
CA GLY A 17 1.45 -0.94 -2.56
C GLY A 17 0.19 -1.40 -1.82
N DBU A 18 0.04 -2.71 -1.69
CA DBU A 18 -1.09 -3.24 -1.03
CB DBU A 18 -1.37 -3.25 0.34
CG DBU A 18 -0.49 -2.70 1.42
C DBU A 18 -2.05 -3.82 -2.04
O DBU A 18 -2.36 -5.02 -2.03
H DBU A 18 0.72 -3.32 -2.06
HB DBU A 18 -2.30 -3.70 0.67
HG1 DBU A 18 -0.39 -3.41 2.22
HG2 DBU A 18 0.49 -2.48 1.01
HG3 DBU A 18 -0.92 -1.79 1.80
N CYS A 19 -2.54 -2.97 -2.92
CA CYS A 19 -3.49 -3.40 -3.94
C CYS A 19 -3.11 -2.82 -5.31
N CYS A 20 -2.54 -1.62 -5.30
CA CYS A 20 -2.14 -0.97 -6.55
C CYS A 20 -1.82 -2.01 -7.61
N GLY A 1 5.07 -6.09 -1.57
CA GLY A 1 4.61 -4.68 -1.60
C GLY A 1 4.06 -4.29 -0.23
N ARG A 2 2.97 -4.95 0.18
CA ARG A 2 2.36 -4.65 1.47
C ARG A 2 2.71 -3.25 1.95
N ILE A 3 3.35 -3.16 3.11
CA ILE A 3 3.74 -1.87 3.67
C ILE A 3 4.82 -1.21 2.82
N ASP A 4 5.58 -2.03 2.11
CA ASP A 4 6.66 -1.52 1.25
C ASP A 4 6.09 -0.62 0.16
N DBU A 5 4.97 -1.03 -0.44
CA DBU A 5 4.36 -0.28 -1.46
CB DBU A 5 4.17 -0.62 -2.80
CG DBU A 5 4.61 -1.92 -3.44
C DBU A 5 3.88 1.04 -0.91
O DBU A 5 4.47 2.10 -1.16
H DBU A 5 4.56 -1.88 -0.17
HB DBU A 5 3.67 0.08 -3.46
HG1 DBU A 5 4.21 -2.75 -2.87
HG2 DBU A 5 4.23 -1.96 -4.45
HG3 DBU A 5 5.69 -1.96 -3.45
N CYS A 6 2.80 0.99 -0.15
CA CYS A 6 2.23 2.20 0.44
C CYS A 6 2.40 2.17 1.96
N PRO A 7 3.58 2.46 2.42
CA PRO A 7 3.89 2.47 3.89
C PRO A 7 3.14 3.58 4.62
N ALA A 8 2.78 3.33 5.87
CA ALA A 8 2.06 4.31 6.67
C ALA A 8 0.59 4.35 6.27
N GLY A 9 0.31 3.93 5.04
CA GLY A 9 -1.06 3.91 4.54
C GLY A 9 -1.77 2.61 4.93
N GLY A 10 -1.02 1.68 5.49
CA GLY A 10 -1.58 0.41 5.90
C GLY A 10 -2.32 -0.25 4.73
N GLY A 11 -3.61 0.07 4.61
CA GLY A 11 -4.41 -0.49 3.53
C GLY A 11 -3.53 -0.78 2.32
N DBB A 12 -3.47 0.18 1.41
CA DBB A 12 -2.67 0.02 0.20
C DBB A 12 -3.58 -0.11 -1.01
O DBB A 12 -3.32 -0.89 -1.92
CB DBB A 12 -1.73 1.23 0.07
CG DBB A 12 -1.92 1.88 -1.31
H DBB A 12 -3.97 1.00 1.54
HA DBB A 12 -2.07 -0.87 0.30
HB2 DBB A 12 -1.96 1.97 0.83
HG1 DBB A 12 -2.95 2.18 -1.42
HG2 DBB A 12 -1.67 1.16 -2.08
HG3 DBB A 12 -1.28 2.74 -1.39
N DAL A 13 -4.65 0.68 -1.00
CA DAL A 13 -5.61 0.67 -2.10
CB DAL A 13 -5.70 -0.74 -2.69
C DAL A 13 -5.18 1.67 -3.18
O DAL A 13 -4.07 1.55 -3.72
H DAL A 13 -4.81 1.27 -0.24
HA DAL A 13 -6.58 0.94 -1.71
HB1 DAL A 13 -5.40 -1.47 -1.95
HB2 DAL A 13 -6.72 -0.93 -2.98
N GLU A 14 -6.02 2.65 -3.52
CA GLU A 14 -5.67 3.62 -4.54
C GLU A 14 -4.35 4.30 -4.20
N GLN A 15 -3.95 4.19 -2.93
CA GLN A 15 -2.70 4.79 -2.48
C GLN A 15 -1.51 4.16 -3.21
N DBB A 16 -1.68 2.92 -3.68
CA DBB A 16 -0.61 2.23 -4.40
C DBB A 16 -0.32 0.88 -3.77
O DBB A 16 -1.15 -0.05 -3.84
CB DBB A 16 -1.02 2.03 -5.86
CG DBB A 16 -1.41 3.39 -6.46
H DBB A 16 -2.55 2.47 -3.55
HA DBB A 16 0.28 2.84 -4.36
HB2 DBB A 16 -0.18 1.63 -6.43
HG1 DBB A 16 -1.17 4.16 -5.76
HG2 DBB A 16 -2.47 3.39 -6.65
HG3 DBB A 16 -0.87 3.54 -7.37
N GLY A 17 0.84 0.74 -3.15
CA GLY A 17 1.24 -0.51 -2.51
C GLY A 17 0.01 -1.27 -1.99
N DBU A 18 0.12 -2.58 -1.93
CA DBU A 18 -0.97 -3.36 -1.46
CB DBU A 18 -1.32 -3.68 -0.15
CG DBU A 18 -0.57 -3.26 1.09
C DBU A 18 -1.79 -3.85 -2.63
O DBU A 18 -1.87 -5.03 -2.92
H DBU A 18 0.96 -3.03 -2.20
HB DBU A 18 -2.19 -4.29 0.02
HG1 DBU A 18 -1.03 -2.39 1.52
HG2 DBU A 18 -0.58 -4.06 1.82
HG3 DBU A 18 0.46 -3.03 0.83
N CYS A 19 -2.44 -2.90 -3.30
CA CYS A 19 -3.28 -3.23 -4.45
C CYS A 19 -2.67 -2.66 -5.74
N CYS A 20 -1.59 -1.91 -5.58
CA CYS A 20 -0.91 -1.31 -6.73
C CYS A 20 0.47 -0.80 -6.34
N GLY A 1 4.69 -4.52 -6.05
CA GLY A 1 5.34 -5.11 -4.84
C GLY A 1 4.57 -4.68 -3.59
N ARG A 2 4.58 -5.53 -2.57
CA ARG A 2 3.87 -5.22 -1.33
C ARG A 2 4.55 -4.05 -0.62
N ILE A 3 3.77 -3.33 0.17
CA ILE A 3 4.30 -2.18 0.89
C ILE A 3 5.04 -1.24 -0.05
N ASP A 4 4.88 -1.47 -1.36
CA ASP A 4 5.53 -0.63 -2.35
C ASP A 4 4.56 0.43 -2.85
N DBU A 5 4.83 1.68 -2.48
CA DBU A 5 4.00 2.75 -2.88
CB DBU A 5 3.70 3.18 -4.19
CG DBU A 5 4.25 2.56 -5.45
C DBU A 5 3.41 3.44 -1.69
O DBU A 5 3.70 4.60 -1.39
H DBU A 5 5.60 1.87 -1.91
HB DBU A 5 3.04 4.02 -4.32
HG1 DBU A 5 4.94 3.23 -5.92
HG2 DBU A 5 4.75 1.63 -5.20
HG3 DBU A 5 3.43 2.35 -6.12
N CYS A 6 2.54 2.71 -0.98
CA CYS A 6 1.89 3.25 0.20
C CYS A 6 2.42 2.57 1.46
N PRO A 7 3.66 2.84 1.80
CA PRO A 7 4.30 2.24 3.01
C PRO A 7 3.58 2.67 4.28
N ALA A 8 3.51 1.76 5.24
CA ALA A 8 2.83 2.05 6.51
C ALA A 8 1.37 2.42 6.25
N GLY A 9 0.95 2.34 4.99
CA GLY A 9 -0.42 2.67 4.63
C GLY A 9 -1.33 1.46 4.86
N GLY A 10 -2.19 1.57 5.87
CA GLY A 10 -3.11 0.48 6.17
C GLY A 10 -4.01 0.22 4.97
N GLY A 11 -4.32 1.30 4.26
CA GLY A 11 -5.17 1.20 3.08
C GLY A 11 -4.30 1.26 1.82
N DBB A 12 -3.44 0.27 1.65
CA DBB A 12 -2.58 0.21 0.47
C DBB A 12 -3.41 -0.15 -0.75
O DBB A 12 -3.02 -1.00 -1.56
CB DBB A 12 -1.88 1.58 0.28
CG DBB A 12 -2.25 2.16 -1.08
H DBB A 12 -3.39 -0.45 2.32
HA DBB A 12 -1.83 -0.54 0.63
HB2 DBB A 12 -2.19 2.26 1.05
HG1 DBB A 12 -3.32 2.29 -1.14
HG2 DBB A 12 -1.92 1.49 -1.86
HG3 DBB A 12 -1.76 3.12 -1.21
N DAL A 13 -4.56 0.49 -0.88
CA DAL A 13 -5.46 0.24 -1.99
CB DAL A 13 -5.49 -1.26 -2.31
C DAL A 13 -5.01 1.04 -3.22
O DAL A 13 -3.81 1.23 -3.43
H DAL A 13 -4.82 1.14 -0.20
HA DAL A 13 -6.45 0.54 -1.70
HB1 DAL A 13 -4.88 -1.79 -1.60
HB2 DAL A 13 -6.51 -1.62 -2.25
N GLU A 14 -5.96 1.52 -4.04
CA GLU A 14 -5.60 2.29 -5.22
C GLU A 14 -4.66 3.43 -4.87
N GLN A 15 -4.55 3.73 -3.57
CA GLN A 15 -3.66 4.81 -3.13
C GLN A 15 -2.22 4.48 -3.50
N DBB A 16 -1.89 3.19 -3.52
CA DBB A 16 -0.53 2.77 -3.88
C DBB A 16 -0.24 1.39 -3.32
O DBB A 16 -1.02 0.46 -3.47
CB DBB A 16 -0.38 2.75 -5.40
CG DBB A 16 -0.71 4.14 -5.95
H DBB A 16 -2.57 2.52 -3.31
HA DBB A 16 0.17 3.48 -3.47
HB2 DBB A 16 0.64 2.50 -5.66
HG1 DBB A 16 -0.36 4.21 -6.97
HG2 DBB A 16 -0.21 4.89 -5.35
HG3 DBB A 16 -1.78 4.29 -5.92
N GLY A 17 0.92 1.26 -2.67
CA GLY A 17 1.33 -0.02 -2.09
C GLY A 17 0.13 -0.80 -1.57
N DBU A 18 0.34 -2.09 -1.32
CA DBU A 18 -0.71 -2.88 -0.83
CB DBU A 18 -1.12 -3.05 0.49
CG DBU A 18 -0.49 -2.39 1.69
C DBU A 18 -1.44 -3.60 -1.94
O DBU A 18 -1.42 -4.83 -2.03
H DBU A 18 1.22 -2.48 -1.49
HB DBU A 18 -1.97 -3.70 0.70
HG1 DBU A 18 -0.27 -3.13 2.44
HG2 DBU A 18 0.42 -1.90 1.39
HG3 DBU A 18 -1.17 -1.66 2.10
N CYS A 19 -2.10 -2.83 -2.82
CA CYS A 19 -2.84 -3.42 -3.92
C CYS A 19 -2.48 -2.75 -5.25
N CYS A 20 -1.48 -1.86 -5.21
CA CYS A 20 -1.05 -1.18 -6.43
C CYS A 20 -0.12 -2.07 -7.25
N GLY A 1 6.98 -6.03 -3.09
CA GLY A 1 5.54 -6.29 -3.41
C GLY A 1 4.67 -5.61 -2.37
N ARG A 2 4.44 -6.29 -1.25
CA ARG A 2 3.62 -5.75 -0.18
C ARG A 2 4.30 -4.56 0.48
N ILE A 3 3.50 -3.63 1.00
CA ILE A 3 4.05 -2.44 1.65
C ILE A 3 4.88 -1.63 0.66
N ASP A 4 4.91 -2.08 -0.59
CA ASP A 4 5.68 -1.38 -1.62
C ASP A 4 4.78 -0.42 -2.39
N DBU A 5 5.00 0.88 -2.19
CA DBU A 5 4.24 1.85 -2.86
CB DBU A 5 4.07 2.04 -4.24
CG DBU A 5 4.71 1.21 -5.31
C DBU A 5 3.55 2.76 -1.86
O DBU A 5 3.57 3.99 -1.98
H DBU A 5 5.71 1.16 -1.58
HB DBU A 5 3.44 2.86 -4.57
HG1 DBU A 5 4.74 0.17 -4.99
HG2 DBU A 5 4.13 1.27 -6.22
HG3 DBU A 5 5.71 1.55 -5.49
N CYS A 6 2.94 2.14 -0.85
CA CYS A 6 2.24 2.90 0.18
C CYS A 6 2.59 2.36 1.56
N PRO A 7 3.85 2.43 1.90
CA PRO A 7 4.34 1.95 3.23
C PRO A 7 3.69 2.67 4.40
N ALA A 8 3.43 1.95 5.47
CA ALA A 8 2.79 2.53 6.65
C ALA A 8 1.34 2.91 6.33
N GLY A 9 0.96 2.78 5.06
CA GLY A 9 -0.40 3.11 4.65
C GLY A 9 -1.32 1.91 4.79
N GLY A 10 -1.72 1.61 6.03
CA GLY A 10 -2.61 0.49 6.29
C GLY A 10 -3.55 0.26 5.11
N GLY A 11 -3.93 1.35 4.45
CA GLY A 11 -4.82 1.26 3.30
C GLY A 11 -4.04 1.30 2.00
N DBB A 12 -3.21 0.28 1.78
CA DBB A 12 -2.40 0.21 0.58
C DBB A 12 -3.30 -0.07 -0.64
O DBB A 12 -2.97 -0.86 -1.52
CB DBB A 12 -1.62 1.51 0.38
CG DBB A 12 -2.01 2.13 -0.97
H DBB A 12 -3.13 -0.42 2.46
HA DBB A 12 -1.69 -0.60 0.67
HB2 DBB A 12 -1.88 2.21 1.17
HG1 DBB A 12 -1.48 3.07 -1.11
HG2 DBB A 12 -3.07 2.31 -0.98
HG3 DBB A 12 -1.75 1.45 -1.76
N DAL A 13 -4.43 0.63 -0.70
CA DAL A 13 -5.34 0.48 -1.81
CB DAL A 13 -5.51 -1.01 -2.14
C DAL A 13 -4.82 1.25 -3.03
O DAL A 13 -3.60 1.39 -3.19
H DAL A 13 -4.64 1.26 0.02
HA DAL A 13 -6.30 0.88 -1.51
HB1 DAL A 13 -4.88 -1.59 -1.50
HB2 DAL A 13 -6.55 -1.28 -1.99
N GLU A 14 -5.72 1.76 -3.87
CA GLU A 14 -5.30 2.50 -5.05
C GLU A 14 -4.35 3.64 -4.66
N GLN A 15 -4.19 3.85 -3.36
CA GLN A 15 -3.31 4.90 -2.86
C GLN A 15 -1.86 4.56 -3.16
N DBB A 16 -1.57 3.27 -3.33
CA DBB A 16 -0.22 2.83 -3.62
C DBB A 16 -0.03 1.38 -3.20
O DBB A 16 -0.91 0.54 -3.40
CB DBB A 16 0.08 2.97 -5.12
CG DBB A 16 -0.89 3.99 -5.72
H DBB A 16 -2.29 2.61 -3.26
HA DBB A 16 0.48 3.45 -3.08
HB2 DBB A 16 1.10 3.32 -5.26
HG1 DBB A 16 -0.77 4.94 -5.22
HG2 DBB A 16 -1.90 3.64 -5.59
HG3 DBB A 16 -0.68 4.11 -6.77
N GLY A 17 1.12 1.08 -2.62
CA GLY A 17 1.42 -0.28 -2.17
C GLY A 17 0.17 -0.96 -1.62
N DBU A 18 0.24 -2.27 -1.45
CA DBU A 18 -0.86 -3.00 -0.95
CB DBU A 18 -1.22 -3.21 0.39
CG DBU A 18 -0.49 -2.66 1.58
C DBU A 18 -1.66 -3.59 -2.07
O DBU A 18 -1.78 -4.81 -2.21
H DBU A 18 1.06 -2.75 -1.68
HB DBU A 18 -2.11 -3.80 0.60
HG1 DBU A 18 -1.20 -2.22 2.28
HG2 DBU A 18 0.05 -3.46 2.07
HG3 DBU A 18 0.21 -1.90 1.26
N CYS A 19 -2.24 -2.71 -2.89
CA CYS A 19 -3.06 -3.15 -4.02
C CYS A 19 -2.75 -2.33 -5.27
N CYS A 20 -2.65 -1.01 -5.11
CA CYS A 20 -2.38 -0.14 -6.24
C CYS A 20 -1.31 -0.75 -7.14
N GLY A 1 7.57 -5.45 -2.45
CA GLY A 1 6.33 -4.66 -2.71
C GLY A 1 5.53 -4.52 -1.42
N ARG A 2 4.47 -5.32 -1.29
CA ARG A 2 3.64 -5.28 -0.10
C ARG A 2 3.56 -3.86 0.46
N ILE A 3 4.36 -3.59 1.49
CA ILE A 3 4.38 -2.28 2.11
C ILE A 3 4.85 -1.20 1.13
N ASP A 4 5.88 -1.52 0.35
CA ASP A 4 6.41 -0.57 -0.61
C ASP A 4 5.27 0.02 -1.44
N DBU A 5 5.33 1.32 -1.67
CA DBU A 5 4.33 1.99 -2.42
CB DBU A 5 4.19 2.08 -3.81
CG DBU A 5 5.14 1.47 -4.81
C DBU A 5 3.33 2.62 -1.49
O DBU A 5 2.95 3.79 -1.63
H DBU A 5 6.06 1.85 -1.31
HB DBU A 5 3.36 2.63 -4.22
HG1 DBU A 5 6.04 2.09 -4.89
HG2 DBU A 5 5.42 0.49 -4.48
HG3 DBU A 5 4.66 1.41 -5.78
N CYS A 6 2.90 1.84 -0.50
CA CYS A 6 1.93 2.32 0.48
C CYS A 6 2.38 1.98 1.90
N PRO A 7 3.50 2.51 2.32
CA PRO A 7 4.03 2.26 3.68
C PRO A 7 3.03 2.66 4.76
N ALA A 8 2.92 1.84 5.80
CA ALA A 8 1.99 2.13 6.89
C ALA A 8 0.66 2.64 6.34
N GLY A 9 0.43 2.41 5.05
CA GLY A 9 -0.82 2.85 4.42
C GLY A 9 -1.79 1.69 4.28
N GLY A 10 -2.30 1.20 5.39
CA GLY A 10 -3.25 0.08 5.36
C GLY A 10 -4.05 0.10 4.07
N GLY A 11 -4.69 1.23 3.79
CA GLY A 11 -5.49 1.37 2.58
C GLY A 11 -4.58 1.60 1.38
N DBB A 12 -3.55 0.78 1.25
CA DBB A 12 -2.61 0.90 0.15
C DBB A 12 -3.24 0.48 -1.16
O DBB A 12 -2.53 0.09 -2.08
CB DBB A 12 -2.09 2.34 0.04
CG DBB A 12 -1.71 2.61 -1.41
H DBB A 12 -3.42 0.08 1.92
HA DBB A 12 -1.77 0.25 0.35
HB2 DBB A 12 -2.88 3.03 0.31
HG1 DBB A 12 -1.23 1.72 -1.83
HG2 DBB A 12 -1.01 3.44 -1.45
HG3 DBB A 12 -2.58 2.85 -1.98
N DAL A 13 -4.58 0.56 -1.25
CA DAL A 13 -5.27 0.19 -2.47
CB DAL A 13 -4.47 -0.85 -3.22
C DAL A 13 -5.50 1.41 -3.38
O DAL A 13 -5.04 1.43 -4.52
H DAL A 13 -5.08 0.88 -0.49
HA DAL A 13 -6.23 -0.24 -2.21
HB1 DAL A 13 -5.09 -1.33 -3.97
HB2 DAL A 13 -3.63 -0.38 -3.70
N GLU A 14 -6.22 2.41 -2.88
CA GLU A 14 -6.49 3.60 -3.67
C GLU A 14 -5.24 4.46 -3.81
N GLN A 15 -4.14 4.01 -3.21
CA GLN A 15 -2.89 4.76 -3.27
C GLN A 15 -1.75 3.91 -3.86
N DBB A 16 -2.10 2.95 -4.71
CA DBB A 16 -1.07 2.11 -5.34
C DBB A 16 -0.35 1.26 -4.30
O DBB A 16 -0.99 0.58 -3.50
CB DBB A 16 -1.70 1.21 -6.43
CG DBB A 16 -2.57 0.15 -5.77
H DBB A 16 -3.04 2.80 -4.94
HA DBB A 16 -0.35 2.75 -5.81
HB2 DBB A 16 -2.34 1.81 -7.06
HG1 DBB A 16 -2.83 -0.62 -6.49
HG2 DBB A 16 -3.47 0.61 -5.40
HG3 DBB A 16 -2.04 -0.30 -4.95
N GLY A 17 0.98 1.29 -4.32
CA GLY A 17 1.77 0.52 -3.37
C GLY A 17 1.00 -0.69 -2.87
N DBU A 18 1.19 -1.05 -1.61
CA DBU A 18 0.53 -2.15 -1.02
CB DBU A 18 0.37 -2.43 0.33
CG DBU A 18 0.89 -1.61 1.48
C DBU A 18 -0.06 -3.12 -2.03
O DBU A 18 0.57 -4.08 -2.49
H DBU A 18 1.82 -0.53 -1.05
HB DBU A 18 -0.17 -3.34 0.61
HG1 DBU A 18 1.62 -0.90 1.11
HG2 DBU A 18 0.06 -1.06 1.93
HG3 DBU A 18 1.35 -2.24 2.22
N CYS A 19 -1.32 -2.87 -2.35
CA CYS A 19 -2.06 -3.72 -3.28
C CYS A 19 -1.57 -3.55 -4.72
N CYS A 20 -1.22 -2.32 -5.08
CA CYS A 20 -0.72 -2.02 -6.43
C CYS A 20 0.00 -3.22 -7.02
N GLY A 1 0.73 -8.57 3.08
CA GLY A 1 0.92 -7.75 1.85
C GLY A 1 0.27 -6.39 2.04
N ARG A 2 -0.39 -6.21 3.18
CA ARG A 2 -1.06 -4.95 3.47
C ARG A 2 -0.05 -3.83 3.70
N ILE A 3 1.19 -4.21 3.97
CA ILE A 3 2.24 -3.23 4.18
C ILE A 3 3.16 -3.13 2.96
N ASP A 4 2.80 -3.86 1.91
CA ASP A 4 3.60 -3.84 0.68
C ASP A 4 3.55 -2.45 0.04
N DBU A 5 4.68 -2.02 -0.48
CA DBU A 5 4.76 -0.75 -1.11
CB DBU A 5 5.18 -0.43 -2.41
CG DBU A 5 5.64 -1.44 -3.43
C DBU A 5 4.30 0.32 -0.15
O DBU A 5 4.86 0.49 0.94
H DBU A 5 5.50 -2.57 -0.44
HB DBU A 5 5.17 0.59 -2.73
HG1 DBU A 5 6.55 -1.09 -3.89
HG2 DBU A 5 5.83 -2.39 -2.93
HG3 DBU A 5 4.88 -1.59 -4.17
N CYS A 6 3.28 1.06 -0.56
CA CYS A 6 2.74 2.14 0.27
C CYS A 6 3.01 1.86 1.74
N PRO A 7 4.12 2.35 2.24
CA PRO A 7 4.51 2.15 3.67
C PRO A 7 3.55 2.85 4.63
N ALA A 8 3.32 2.24 5.78
CA ALA A 8 2.43 2.80 6.78
C ALA A 8 1.13 3.29 6.13
N GLY A 9 0.89 2.85 4.90
CA GLY A 9 -0.32 3.25 4.18
C GLY A 9 -1.51 2.43 4.63
N GLY A 10 -1.26 1.43 5.47
CA GLY A 10 -2.32 0.57 5.97
C GLY A 10 -3.22 0.08 4.83
N GLY A 11 -4.18 0.91 4.45
CA GLY A 11 -5.11 0.55 3.37
C GLY A 11 -4.35 0.14 2.12
N DBB A 12 -3.13 0.66 1.98
CA DBB A 12 -2.29 0.35 0.84
C DBB A 12 -3.16 0.12 -0.40
O DBB A 12 -2.84 -0.69 -1.26
CB DBB A 12 -1.30 1.50 0.60
CG DBB A 12 -1.56 2.16 -0.76
H DBB A 12 -2.79 1.27 2.66
HA DBB A 12 -1.73 -0.55 1.04
HB2 DBB A 12 -1.42 2.24 1.37
HG1 DBB A 12 -0.76 2.85 -0.99
HG2 DBB A 12 -2.49 2.70 -0.72
HG3 DBB A 12 -1.61 1.41 -1.52
N DAL A 13 -4.26 0.86 -0.46
CA DAL A 13 -5.19 0.76 -1.56
CB DAL A 13 -5.53 -0.70 -1.83
C DAL A 13 -4.57 1.39 -2.82
O DAL A 13 -3.34 1.47 -2.92
H DAL A 13 -4.44 1.50 0.27
HA DAL A 13 -6.08 1.29 -1.30
HB1 DAL A 13 -4.71 -1.33 -1.52
HB2 DAL A 13 -6.41 -0.96 -1.25
N GLU A 14 -5.40 1.83 -3.77
CA GLU A 14 -4.87 2.45 -4.98
C GLU A 14 -3.86 3.54 -4.64
N GLN A 15 -3.76 3.87 -3.37
CA GLN A 15 -2.81 4.90 -2.93
C GLN A 15 -1.38 4.39 -3.05
N DBB A 16 -1.22 3.23 -3.66
CA DBB A 16 0.11 2.63 -3.83
C DBB A 16 0.12 1.19 -3.32
O DBB A 16 -0.90 0.52 -3.29
CB DBB A 16 0.51 2.65 -5.31
CG DBB A 16 -0.19 3.78 -6.02
H DBB A 16 -2.00 2.75 -3.99
HA DBB A 16 0.83 3.21 -3.26
HB2 DBB A 16 1.59 2.79 -5.39
HG1 DBB A 16 -1.26 3.65 -5.93
HG2 DBB A 16 0.09 3.80 -7.06
HG3 DBB A 16 0.08 4.72 -5.57
N GLY A 17 1.30 0.73 -2.91
CA GLY A 17 1.44 -0.64 -2.41
C GLY A 17 0.13 -1.14 -1.82
N DBU A 18 -0.10 -2.45 -1.92
CA DBU A 18 -1.30 -2.98 -1.40
CB DBU A 18 -1.66 -3.13 -0.05
CG DBU A 18 -0.84 -2.74 1.15
C DBU A 18 -2.22 -3.42 -2.50
O DBU A 18 -2.31 -4.60 -2.84
H DBU A 18 0.55 -3.02 -2.38
HB DBU A 18 -2.63 -3.56 0.17
HG1 DBU A 18 -1.49 -2.41 1.94
HG2 DBU A 18 -0.25 -3.57 1.48
HG3 DBU A 18 -0.18 -1.92 0.87
N CYS A 19 -2.94 -2.45 -3.07
CA CYS A 19 -3.89 -2.76 -4.15
C CYS A 19 -3.71 -1.81 -5.34
N CYS A 20 -2.63 -1.03 -5.31
CA CYS A 20 -2.37 -0.09 -6.41
C CYS A 20 -1.47 -0.73 -7.47
N GLY A 1 4.52 -4.30 -3.11
CA GLY A 1 4.76 -5.12 -1.89
C GLY A 1 3.79 -4.71 -0.79
N ARG A 2 2.51 -4.63 -1.14
CA ARG A 2 1.48 -4.24 -0.18
C ARG A 2 2.05 -3.21 0.81
N ILE A 3 2.56 -3.70 1.93
CA ILE A 3 3.12 -2.82 2.95
C ILE A 3 4.33 -2.08 2.41
N ASP A 4 5.19 -2.80 1.70
CA ASP A 4 6.39 -2.20 1.13
C ASP A 4 6.02 -1.13 0.11
N DBU A 5 4.96 -1.38 -0.64
CA DBU A 5 4.51 -0.46 -1.61
CB DBU A 5 4.67 -0.51 -3.00
CG DBU A 5 5.37 -1.62 -3.74
C DBU A 5 3.79 0.69 -0.96
O DBU A 5 3.98 1.86 -1.32
H DBU A 5 4.46 -2.21 -0.51
HB DBU A 5 4.26 0.29 -3.61
HG1 DBU A 5 4.65 -2.30 -4.15
HG2 DBU A 5 5.96 -1.20 -4.56
HG3 DBU A 5 6.04 -2.15 -3.06
N CYS A 6 2.94 0.37 0.01
CA CYS A 6 2.18 1.38 0.72
C CYS A 6 3.10 2.14 1.68
N PRO A 7 2.96 3.44 1.75
CA PRO A 7 3.80 4.30 2.63
C PRO A 7 3.43 4.16 4.10
N ALA A 8 3.42 2.92 4.59
CA ALA A 8 3.08 2.66 5.97
C ALA A 8 1.56 2.62 6.16
N GLY A 9 0.84 2.97 5.11
CA GLY A 9 -0.62 2.98 5.16
C GLY A 9 -1.17 1.55 5.13
N GLY A 10 -2.05 1.25 6.07
CA GLY A 10 -2.65 -0.09 6.14
C GLY A 10 -3.47 -0.38 4.89
N GLY A 11 -4.20 0.64 4.42
CA GLY A 11 -5.03 0.48 3.23
C GLY A 11 -4.17 0.20 2.01
N DBB A 12 -3.04 0.89 1.91
CA DBB A 12 -2.14 0.73 0.78
C DBB A 12 -2.93 0.54 -0.51
O DBB A 12 -2.42 -0.02 -1.48
CB DBB A 12 -1.23 1.95 0.64
CG DBB A 12 -0.45 1.84 -0.67
H DBB A 12 -2.80 1.52 2.63
HA DBB A 12 -1.52 -0.15 0.94
HB2 DBB A 12 -1.83 2.86 0.63
HG1 DBB A 12 0.16 0.95 -0.65
HG2 DBB A 12 0.19 2.71 -0.77
HG3 DBB A 12 -1.15 1.80 -1.49
N DAL A 13 -4.18 0.99 -0.51
CA DAL A 13 -5.04 0.88 -1.68
CB DAL A 13 -5.31 -0.61 -1.97
C DAL A 13 -4.36 1.53 -2.89
O DAL A 13 -3.13 1.53 -2.97
H DAL A 13 -4.53 1.43 0.31
HA DAL A 13 -5.97 1.37 -1.48
HB1 DAL A 13 -4.39 -1.16 -1.89
HB2 DAL A 13 -6.02 -0.98 -1.26
N GLU A 14 -5.14 2.09 -3.80
CA GLU A 14 -4.57 2.75 -4.98
C GLU A 14 -3.39 3.63 -4.58
N GLN A 15 -3.28 3.91 -3.29
CA GLN A 15 -2.18 4.73 -2.79
C GLN A 15 -0.84 4.12 -3.17
N DBB A 16 -0.82 2.80 -3.36
CA DBB A 16 0.40 2.10 -3.73
C DBB A 16 0.31 0.62 -3.35
O DBB A 16 -0.67 -0.04 -3.68
CB DBB A 16 0.65 2.23 -5.24
CG DBB A 16 1.37 3.55 -5.50
H DBB A 16 -1.66 2.29 -3.26
HA DBB A 16 1.23 2.54 -3.20
HB2 DBB A 16 1.27 1.42 -5.59
HG1 DBB A 16 0.72 4.21 -6.07
HG2 DBB A 16 2.27 3.36 -6.06
HG3 DBB A 16 1.63 4.02 -4.57
N GLY A 17 1.34 0.13 -2.67
CA GLY A 17 1.37 -1.27 -2.26
C GLY A 17 0.05 -1.66 -1.57
N DBU A 18 -0.58 -2.71 -2.07
CA DBU A 18 -1.80 -3.16 -1.51
CB DBU A 18 -2.12 -3.33 -0.16
CG DBU A 18 -1.20 -3.05 0.99
C DBU A 18 -2.80 -3.47 -2.60
O DBU A 18 -3.25 -4.60 -2.75
H DBU A 18 -0.21 -3.19 -2.84
HB DBU A 18 -3.11 -3.68 0.09
HG1 DBU A 18 -1.62 -2.27 1.62
HG2 DBU A 18 -1.08 -3.94 1.59
HG3 DBU A 18 -0.23 -2.74 0.62
N CYS A 19 -3.16 -2.44 -3.36
CA CYS A 19 -4.12 -2.60 -4.44
C CYS A 19 -3.90 -1.54 -5.52
N CYS A 20 -2.67 -1.09 -5.68
CA CYS A 20 -2.35 -0.09 -6.68
C CYS A 20 -2.51 -0.67 -8.09
N GLY A 1 4.51 -6.31 -4.20
CA GLY A 1 4.84 -6.03 -2.77
C GLY A 1 3.80 -5.09 -2.18
N ARG A 2 3.14 -5.54 -1.12
CA ARG A 2 2.12 -4.71 -0.46
C ARG A 2 2.73 -3.43 0.08
N ILE A 3 3.91 -3.56 0.69
CA ILE A 3 4.59 -2.40 1.25
C ILE A 3 5.10 -1.48 0.14
N ASP A 4 5.29 -2.06 -1.05
CA ASP A 4 5.76 -1.29 -2.19
C ASP A 4 4.70 -0.31 -2.66
N DBU A 5 4.88 0.97 -2.32
CA DBU A 5 3.96 1.97 -2.69
CB DBU A 5 3.59 2.38 -3.98
CG DBU A 5 4.13 1.80 -5.26
C DBU A 5 3.35 2.62 -1.47
O DBU A 5 3.63 3.76 -1.14
H DBU A 5 5.67 1.23 -1.80
HB DBU A 5 2.86 3.17 -4.09
HG1 DBU A 5 4.69 2.56 -5.79
HG2 DBU A 5 4.79 0.97 -5.03
HG3 DBU A 5 3.32 1.44 -5.88
N CYS A 6 2.50 1.85 -0.79
CA CYS A 6 1.84 2.36 0.42
C CYS A 6 2.83 2.40 1.58
N PRO A 7 3.23 3.58 1.97
CA PRO A 7 4.18 3.78 3.10
C PRO A 7 3.57 3.36 4.43
N ALA A 8 3.87 2.13 4.85
CA ALA A 8 3.33 1.63 6.11
C ALA A 8 1.86 1.99 6.26
N GLY A 9 1.21 2.27 5.15
CA GLY A 9 -0.21 2.63 5.16
C GLY A 9 -1.09 1.39 5.05
N GLY A 10 -1.98 1.22 6.01
CA GLY A 10 -2.87 0.06 6.00
C GLY A 10 -3.80 0.10 4.79
N GLY A 11 -4.22 1.30 4.40
CA GLY A 11 -5.11 1.46 3.25
C GLY A 11 -4.30 1.64 1.97
N DBB A 12 -3.34 0.74 1.74
CA DBB A 12 -2.51 0.82 0.55
C DBB A 12 -3.33 0.47 -0.70
O DBB A 12 -2.86 -0.24 -1.58
CB DBB A 12 -1.92 2.22 0.41
CG DBB A 12 -1.38 2.38 -1.01
H DBB A 12 -3.19 0.03 2.39
HA DBB A 12 -1.71 0.10 0.64
HB2 DBB A 12 -2.68 2.96 0.59
HG1 DBB A 12 -0.58 3.11 -1.01
HG2 DBB A 12 -2.18 2.72 -1.66
HG3 DBB A 12 -1.00 1.44 -1.37
N DAL A 13 -4.55 1.00 -0.75
CA DAL A 13 -5.42 0.75 -1.89
CB DAL A 13 -5.57 -0.76 -2.12
C DAL A 13 -4.83 1.43 -3.13
O DAL A 13 -3.74 1.05 -3.57
H DAL A 13 -4.87 1.56 -0.01
HA DAL A 13 -6.40 1.17 -1.68
HB1 DAL A 13 -4.90 -1.29 -1.47
HB2 DAL A 13 -6.59 -1.05 -1.91
N GLU A 14 -5.53 2.42 -3.69
CA GLU A 14 -5.03 3.13 -4.86
C GLU A 14 -3.79 3.94 -4.51
N GLN A 15 -3.59 4.19 -3.22
CA GLN A 15 -2.44 4.96 -2.76
C GLN A 15 -1.14 4.33 -3.26
N DBB A 16 -1.19 3.04 -3.55
CA DBB A 16 -0.01 2.33 -4.04
C DBB A 16 0.02 0.91 -3.49
O DBB A 16 -1.01 0.23 -3.41
CB DBB A 16 -0.03 2.29 -5.57
CG DBB A 16 0.17 3.70 -6.10
H DBB A 16 -2.04 2.55 -3.44
HA DBB A 16 0.87 2.85 -3.72
HB2 DBB A 16 0.78 1.65 -5.93
HG1 DBB A 16 -0.59 3.92 -6.85
HG2 DBB A 16 1.14 3.78 -6.56
HG3 DBB A 16 0.10 4.40 -5.29
N GLY A 17 1.21 0.46 -3.10
CA GLY A 17 1.37 -0.89 -2.57
C GLY A 17 0.11 -1.33 -1.84
N DBU A 18 -0.09 -2.65 -1.76
CA DBU A 18 -1.22 -3.17 -1.09
CB DBU A 18 -1.50 -3.19 0.28
CG DBU A 18 -0.60 -2.63 1.35
C DBU A 18 -2.18 -3.77 -2.08
O DBU A 18 -2.50 -4.96 -2.04
H DBU A 18 0.55 -3.27 -2.15
HB DBU A 18 -2.42 -3.64 0.61
HG1 DBU A 18 -0.35 -3.41 2.06
HG2 DBU A 18 0.31 -2.26 0.90
HG3 DBU A 18 -1.11 -1.82 1.86
N CYS A 19 -2.66 -2.93 -3.00
CA CYS A 19 -3.60 -3.38 -4.02
C CYS A 19 -3.24 -2.81 -5.38
N CYS A 20 -2.62 -1.65 -5.40
CA CYS A 20 -2.23 -1.01 -6.66
C CYS A 20 -1.86 -2.07 -7.70
N GLY A 1 1.74 -9.70 5.50
CA GLY A 1 1.92 -8.24 5.67
C GLY A 1 1.00 -7.49 4.71
N ARG A 2 -0.16 -7.08 5.21
CA ARG A 2 -1.12 -6.36 4.38
C ARG A 2 -0.54 -5.01 3.94
N ILE A 3 0.20 -4.36 4.84
CA ILE A 3 0.81 -3.08 4.53
C ILE A 3 2.18 -3.26 3.91
N ASP A 4 2.47 -4.48 3.48
CA ASP A 4 3.76 -4.78 2.86
C ASP A 4 3.92 -4.00 1.56
N DBU A 5 2.83 -3.85 0.83
CA DBU A 5 2.85 -3.14 -0.40
CB DBU A 5 2.68 -3.63 -1.69
CG DBU A 5 2.42 -5.08 -2.04
C DBU A 5 3.12 -1.68 -0.16
O DBU A 5 4.08 -1.10 -0.66
H DBU A 5 1.97 -4.23 1.13
HB DBU A 5 2.74 -2.95 -2.53
HG1 DBU A 5 3.26 -5.49 -2.58
HG2 DBU A 5 2.27 -5.64 -1.13
HG3 DBU A 5 1.53 -5.15 -2.65
N CYS A 6 2.23 -1.06 0.63
CA CYS A 6 2.37 0.36 0.94
C CYS A 6 3.34 0.56 2.10
N PRO A 7 4.10 1.61 2.07
CA PRO A 7 5.10 1.93 3.13
C PRO A 7 4.45 2.45 4.40
N ALA A 8 3.43 1.73 4.87
CA ALA A 8 2.72 2.13 6.08
C ALA A 8 1.57 3.07 5.74
N GLY A 9 0.96 2.87 4.59
CA GLY A 9 -0.15 3.70 4.15
C GLY A 9 -1.48 3.16 4.69
N GLY A 10 -1.40 2.14 5.53
CA GLY A 10 -2.60 1.54 6.11
C GLY A 10 -3.29 0.63 5.10
N GLY A 11 -4.36 1.15 4.48
CA GLY A 11 -5.09 0.37 3.49
C GLY A 11 -4.18 -0.03 2.34
N DBB A 12 -3.35 0.90 1.89
CA DBB A 12 -2.43 0.62 0.79
C DBB A 12 -3.21 0.38 -0.50
O DBB A 12 -2.63 -0.07 -1.50
CB DBB A 12 -1.47 1.80 0.60
CG DBB A 12 -2.16 2.87 -0.25
H DBB A 12 -3.34 1.79 2.31
HA DBB A 12 -1.86 -0.26 1.03
HB2 DBB A 12 -1.22 2.22 1.56
HG1 DBB A 12 -3.23 2.71 -0.22
HG2 DBB A 12 -1.82 2.79 -1.27
HG3 DBB A 12 -1.93 3.84 0.14
N DAL A 13 -4.50 0.68 -0.48
CA DAL A 13 -5.34 0.48 -1.66
CB DAL A 13 -5.51 -1.01 -1.93
C DAL A 13 -4.71 1.18 -2.87
O DAL A 13 -3.51 1.46 -2.86
H DAL A 13 -4.89 1.04 0.34
HA DAL A 13 -6.31 0.92 -1.47
HB1 DAL A 13 -4.70 -1.55 -1.48
HB2 DAL A 13 -6.45 -1.35 -1.52
N GLU A 14 -5.51 1.47 -3.88
CA GLU A 14 -5.01 2.14 -5.07
C GLU A 14 -4.19 3.38 -4.68
N GLN A 15 -4.28 3.76 -3.41
CA GLN A 15 -3.54 4.91 -2.93
C GLN A 15 -2.03 4.67 -3.00
N DBB A 16 -1.66 3.43 -3.31
CA DBB A 16 -0.24 3.08 -3.42
C DBB A 16 -0.03 1.63 -3.03
O DBB A 16 -0.94 0.96 -2.55
CB DBB A 16 0.24 3.30 -4.86
CG DBB A 16 -0.55 4.45 -5.48
H DBB A 16 -2.34 2.75 -3.49
HA DBB A 16 0.33 3.71 -2.77
HB2 DBB A 16 1.29 3.56 -4.86
HG1 DBB A 16 0.01 4.86 -6.32
HG2 DBB A 16 -0.69 5.23 -4.74
HG3 DBB A 16 -1.50 4.09 -5.81
N GLY A 17 1.19 1.14 -3.23
CA GLY A 17 1.52 -0.25 -2.90
C GLY A 17 0.26 -1.05 -2.61
N DBU A 18 0.23 -1.72 -1.47
CA DBU A 18 -0.88 -2.50 -1.09
CB DBU A 18 -1.38 -2.75 0.18
CG DBU A 18 -0.80 -2.20 1.47
C DBU A 18 -1.54 -3.09 -2.31
O DBU A 18 -1.14 -4.15 -2.80
H DBU A 18 1.01 -1.68 -0.86
HB DBU A 18 -2.26 -3.38 0.29
HG1 DBU A 18 -0.09 -2.91 1.87
HG2 DBU A 18 -0.29 -1.27 1.26
HG3 DBU A 18 -1.59 -2.04 2.19
N CYS A 19 -2.55 -2.41 -2.81
CA CYS A 19 -3.28 -2.86 -3.99
C CYS A 19 -3.07 -1.93 -5.17
N CYS A 20 -2.46 -0.78 -4.92
CA CYS A 20 -2.20 0.19 -5.98
C CYS A 20 -1.15 -0.34 -6.94
N GLY A 1 3.92 -7.22 6.88
CA GLY A 1 4.20 -6.04 6.02
C GLY A 1 2.91 -5.61 5.32
N ARG A 2 1.97 -5.08 6.08
CA ARG A 2 0.70 -4.63 5.52
C ARG A 2 0.93 -3.56 4.46
N ILE A 3 1.92 -2.71 4.69
CA ILE A 3 2.23 -1.64 3.75
C ILE A 3 2.56 -2.22 2.38
N ASP A 4 3.28 -3.34 2.35
CA ASP A 4 3.65 -3.98 1.11
C ASP A 4 3.70 -2.96 -0.02
N DBU A 5 4.52 -1.94 0.15
CA DBU A 5 4.65 -0.93 -0.84
CB DBU A 5 5.50 -0.90 -1.95
CG DBU A 5 6.48 -1.98 -2.32
C DBU A 5 3.70 0.21 -0.55
O DBU A 5 3.36 1.00 -1.44
H DBU A 5 5.06 -1.87 0.96
HB DBU A 5 5.46 -0.04 -2.61
HG1 DBU A 5 7.03 -2.29 -1.44
HG2 DBU A 5 5.95 -2.83 -2.72
HG3 DBU A 5 7.17 -1.61 -3.05
N CYS A 6 3.25 0.29 0.69
CA CYS A 6 2.32 1.34 1.10
C CYS A 6 2.63 1.80 2.52
N PRO A 7 3.77 2.40 2.71
CA PRO A 7 4.22 2.90 4.03
C PRO A 7 3.39 4.09 4.51
N ALA A 8 2.19 4.24 3.94
CA ALA A 8 1.31 5.34 4.30
C ALA A 8 0.09 4.83 5.07
N GLY A 9 -0.30 3.59 4.78
CA GLY A 9 -1.45 2.98 5.45
C GLY A 9 -1.47 1.47 5.23
N GLY A 10 -2.14 0.76 6.14
CA GLY A 10 -2.24 -0.69 6.03
C GLY A 10 -3.02 -1.09 4.79
N GLY A 11 -4.01 -0.29 4.44
CA GLY A 11 -4.84 -0.57 3.27
C GLY A 11 -4.00 -0.57 2.01
N DBB A 12 -3.05 0.36 1.93
CA DBB A 12 -2.19 0.46 0.76
C DBB A 12 -2.97 0.16 -0.51
O DBB A 12 -2.40 -0.26 -1.52
CB DBB A 12 -1.59 1.87 0.67
CG DBB A 12 -1.12 2.12 -0.76
H DBB A 12 -2.93 0.98 2.67
HA DBB A 12 -1.38 -0.25 0.85
HB2 DBB A 12 -2.35 2.60 0.93
HG1 DBB A 12 -1.94 2.50 -1.35
HG2 DBB A 12 -0.78 1.19 -1.19
HG3 DBB A 12 -0.32 2.84 -0.75
N DAL A 13 -4.28 0.35 -0.46
CA DAL A 13 -5.13 0.10 -1.62
CB DAL A 13 -5.15 -1.40 -1.93
C DAL A 13 -4.60 0.88 -2.82
O DAL A 13 -3.47 0.65 -3.25
H DAL A 13 -4.69 0.69 0.37
HA DAL A 13 -6.13 0.42 -1.38
HB1 DAL A 13 -4.16 -1.81 -1.85
HB2 DAL A 13 -5.81 -1.89 -1.23
N GLU A 14 -5.39 1.81 -3.36
CA GLU A 14 -4.95 2.61 -4.50
C GLU A 14 -3.86 3.60 -4.07
N GLN A 15 -3.67 3.73 -2.76
CA GLN A 15 -2.66 4.64 -2.24
C GLN A 15 -1.27 4.20 -2.68
N DBB A 16 -1.19 3.01 -3.28
CA DBB A 16 0.09 2.48 -3.74
C DBB A 16 0.21 1.00 -3.38
O DBB A 16 -0.79 0.28 -3.35
CB DBB A 16 0.21 2.66 -5.26
CG DBB A 16 0.76 4.05 -5.54
H DBB A 16 -2.01 2.47 -3.40
HA DBB A 16 0.89 3.02 -3.25
HB2 DBB A 16 0.89 1.92 -5.66
HG1 DBB A 16 1.44 4.01 -6.38
HG2 DBB A 16 1.29 4.42 -4.67
HG3 DBB A 16 -0.05 4.72 -5.77
N GLY A 17 1.43 0.56 -3.11
CA GLY A 17 1.67 -0.83 -2.77
C GLY A 17 0.46 -1.43 -2.07
N DBU A 18 0.15 -2.69 -2.39
CA DBU A 18 -0.94 -3.35 -1.82
CB DBU A 18 -1.21 -3.60 -0.47
CG DBU A 18 -0.31 -3.19 0.67
C DBU A 18 -1.91 -3.79 -2.89
O DBU A 18 -2.01 -4.98 -3.22
H DBU A 18 0.70 -3.17 -3.05
HB DBU A 18 -2.11 -4.12 -0.20
HG1 DBU A 18 -0.81 -2.45 1.28
HG2 DBU A 18 -0.09 -4.06 1.28
HG3 DBU A 18 0.61 -2.77 0.28
N CYS A 19 -2.65 -2.83 -3.44
CA CYS A 19 -3.63 -3.13 -4.49
C CYS A 19 -3.65 -2.02 -5.54
N CYS A 20 -2.72 -1.08 -5.44
CA CYS A 20 -2.65 0.02 -6.38
C CYS A 20 -2.95 -0.47 -7.80
N GLY A 1 4.19 -7.46 5.03
CA GLY A 1 4.88 -7.35 3.72
C GLY A 1 4.13 -6.37 2.83
N ARG A 2 2.82 -6.23 3.08
CA ARG A 2 2.01 -5.31 2.29
C ARG A 2 2.45 -3.88 2.52
N ILE A 3 2.80 -3.54 3.76
CA ILE A 3 3.24 -2.20 4.09
C ILE A 3 4.48 -1.83 3.26
N ASP A 4 4.98 -2.77 2.50
CA ASP A 4 6.15 -2.54 1.67
C ASP A 4 5.85 -1.49 0.60
N DBU A 5 4.65 -1.55 0.04
CA DBU A 5 4.26 -0.62 -0.95
CB DBU A 5 4.26 -0.79 -2.35
CG DBU A 5 4.69 -2.04 -3.06
C DBU A 5 3.81 0.67 -0.33
O DBU A 5 4.39 1.74 -0.56
H DBU A 5 4.00 -2.23 0.32
HB DBU A 5 3.93 0.03 -2.97
HG1 DBU A 5 3.86 -2.42 -3.65
HG2 DBU A 5 5.52 -1.82 -3.71
HG3 DBU A 5 4.99 -2.79 -2.34
N CYS A 6 2.75 0.59 0.48
CA CYS A 6 2.22 1.77 1.15
C CYS A 6 2.68 1.81 2.60
N PRO A 7 3.77 2.47 2.87
CA PRO A 7 4.31 2.59 4.25
C PRO A 7 3.46 3.51 5.13
N ALA A 8 3.05 2.98 6.28
CA ALA A 8 2.23 3.75 7.20
C ALA A 8 0.78 3.80 6.72
N GLY A 9 0.58 3.55 5.44
CA GLY A 9 -0.75 3.58 4.86
C GLY A 9 -1.63 2.50 5.48
N GLY A 10 -1.04 1.34 5.74
CA GLY A 10 -1.78 0.24 6.34
C GLY A 10 -2.67 -0.44 5.30
N GLY A 11 -3.22 0.36 4.39
CA GLY A 11 -4.09 -0.18 3.36
C GLY A 11 -3.29 -0.53 2.11
N DBB A 12 -3.22 0.41 1.16
CA DBB A 12 -2.47 0.19 -0.07
C DBB A 12 -3.43 -0.02 -1.24
O DBB A 12 -3.18 -0.85 -2.12
CB DBB A 12 -1.57 1.39 -0.36
CG DBB A 12 -1.97 2.00 -1.70
H DBB A 12 -3.68 1.26 1.31
HA DBB A 12 -1.86 -0.69 0.04
HB2 DBB A 12 -1.69 2.14 0.41
HG1 DBB A 12 -1.70 1.31 -2.49
HG2 DBB A 12 -1.44 2.93 -1.85
HG3 DBB A 12 -3.03 2.17 -1.72
N DAL A 13 -4.53 0.72 -1.25
CA DAL A 13 -5.51 0.61 -2.31
CB DAL A 13 -5.65 -0.85 -2.74
C DAL A 13 -5.08 1.46 -3.52
O DAL A 13 -3.93 1.35 -3.95
H DAL A 13 -4.68 1.37 -0.51
HA DAL A 13 -6.47 0.96 -1.95
HB1 DAL A 13 -5.34 -1.49 -1.93
HB2 DAL A 13 -6.69 -1.06 -2.98
N GLU A 14 -5.97 2.31 -4.03
CA GLU A 14 -5.63 3.16 -5.16
C GLU A 14 -4.42 4.03 -4.85
N GLN A 15 -4.05 4.07 -3.57
CA GLN A 15 -2.90 4.87 -3.14
C GLN A 15 -1.62 4.35 -3.77
N DBB A 16 -1.58 3.04 -4.04
CA DBB A 16 -0.41 2.43 -4.66
C DBB A 16 -0.17 1.04 -4.08
O DBB A 16 -0.97 0.13 -4.28
CB DBB A 16 -0.60 2.33 -6.17
CG DBB A 16 -0.90 3.72 -6.71
H DBB A 16 -2.36 2.48 -3.82
HA DBB A 16 0.46 3.05 -4.45
HB2 DBB A 16 0.30 1.96 -6.64
HG1 DBB A 16 -0.67 3.75 -7.78
HG2 DBB A 16 -0.31 4.46 -6.20
HG3 DBB A 16 -1.96 3.94 -6.58
N GLY A 17 0.95 0.87 -3.37
CA GLY A 17 1.28 -0.41 -2.78
C GLY A 17 0.04 -1.11 -2.23
N DBU A 18 0.20 -2.37 -1.86
CA DBU A 18 -0.88 -3.11 -1.33
CB DBU A 18 -1.26 -3.26 0.01
CG DBU A 18 -0.55 -2.63 1.19
C DBU A 18 -1.66 -3.79 -2.43
O DBU A 18 -1.55 -5.00 -2.65
H DBU A 18 1.07 -2.81 -1.95
HB DBU A 18 -2.13 -3.87 0.24
HG1 DBU A 18 -1.09 -2.85 2.09
HG2 DBU A 18 0.45 -3.03 1.25
HG3 DBU A 18 -0.51 -1.56 1.04
N CYS A 19 -2.45 -3.00 -3.14
CA CYS A 19 -3.27 -3.52 -4.24
C CYS A 19 -2.66 -3.18 -5.60
N CYS A 20 -2.40 -1.90 -5.84
CA CYS A 20 -1.83 -1.48 -7.11
C CYS A 20 -1.02 -2.61 -7.74
N GLY A 1 0.44 -7.56 0.25
CA GLY A 1 -0.26 -6.26 0.32
C GLY A 1 -0.23 -5.73 1.74
N ARG A 2 -1.39 -5.35 2.27
CA ARG A 2 -1.48 -4.83 3.62
C ARG A 2 -0.56 -3.62 3.80
N ILE A 3 0.72 -3.90 4.00
CA ILE A 3 1.70 -2.82 4.18
C ILE A 3 2.82 -2.94 3.15
N ASP A 4 2.63 -3.81 2.17
CA ASP A 4 3.62 -4.01 1.13
C ASP A 4 3.34 -3.11 -0.06
N DBU A 5 4.18 -2.08 -0.24
CA DBU A 5 4.01 -1.19 -1.31
CB DBU A 5 4.06 -1.45 -2.68
CG DBU A 5 4.30 -2.81 -3.29
C DBU A 5 3.76 0.21 -0.80
O DBU A 5 4.48 1.16 -1.13
H DBU A 5 4.93 -1.95 0.38
HB DBU A 5 3.91 -0.63 -3.38
HG1 DBU A 5 3.36 -3.21 -3.65
HG2 DBU A 5 4.99 -2.72 -4.12
HG3 DBU A 5 4.72 -3.47 -2.54
N CYS A 6 2.73 0.35 0.03
CA CYS A 6 2.38 1.64 0.60
C CYS A 6 2.58 1.61 2.11
N PRO A 7 3.81 1.64 2.55
CA PRO A 7 4.15 1.61 4.00
C PRO A 7 3.53 2.77 4.77
N ALA A 8 3.10 2.51 5.99
CA ALA A 8 2.49 3.55 6.83
C ALA A 8 1.10 3.89 6.31
N GLY A 9 0.76 3.36 5.14
CA GLY A 9 -0.56 3.62 4.55
C GLY A 9 -1.59 2.63 5.06
N GLY A 10 -1.13 1.65 5.83
CA GLY A 10 -2.03 0.64 6.38
C GLY A 10 -2.79 -0.08 5.27
N GLY A 11 -3.86 0.55 4.79
CA GLY A 11 -4.67 -0.03 3.73
C GLY A 11 -3.79 -0.48 2.57
N DBB A 12 -3.54 0.43 1.62
CA DBB A 12 -2.71 0.12 0.47
C DBB A 12 -3.58 -0.05 -0.78
O DBB A 12 -3.29 -0.87 -1.65
CB DBB A 12 -1.67 1.23 0.26
CG DBB A 12 -2.02 2.00 -1.01
H DBB A 12 -3.93 1.32 1.71
HA DBB A 12 -2.19 -0.81 0.65
HB2 DBB A 12 -1.68 1.90 1.11
HG1 DBB A 12 -2.94 2.54 -0.86
HG2 DBB A 12 -2.13 1.32 -1.84
HG3 DBB A 12 -1.23 2.72 -1.23
N DAL A 13 -4.64 0.73 -0.85
CA DAL A 13 -5.55 0.68 -1.98
CB DAL A 13 -5.64 -0.75 -2.50
C DAL A 13 -5.06 1.60 -3.11
O DAL A 13 -3.85 1.73 -3.33
H DAL A 13 -4.83 1.37 -0.12
HA DAL A 13 -6.52 1.00 -1.65
HB1 DAL A 13 -5.38 -1.43 -1.71
HB2 DAL A 13 -6.66 -0.94 -2.81
N GLU A 14 -5.99 2.25 -3.84
CA GLU A 14 -5.61 3.14 -4.92
C GLU A 14 -4.53 4.11 -4.47
N GLN A 15 -4.27 4.15 -3.16
CA GLN A 15 -3.25 5.03 -2.61
C GLN A 15 -1.89 4.70 -3.20
N DBB A 16 -1.73 3.46 -3.65
CA DBB A 16 -0.46 3.03 -4.25
C DBB A 16 -0.19 1.57 -3.90
O DBB A 16 -1.03 0.70 -4.14
CB DBB A 16 -0.51 3.20 -5.78
CG DBB A 16 -1.90 3.68 -6.20
H DBB A 16 -2.48 2.83 -3.61
HA DBB A 16 0.33 3.63 -3.85
HB2 DBB A 16 0.22 3.93 -6.08
HG1 DBB A 16 -2.03 3.53 -7.25
HG2 DBB A 16 -1.99 4.74 -5.96
HG3 DBB A 16 -2.64 3.13 -5.65
N GLY A 17 0.98 1.31 -3.36
CA GLY A 17 1.35 -0.05 -2.99
C GLY A 17 0.21 -0.77 -2.28
N DBU A 18 0.50 -1.94 -1.72
CA DBU A 18 -0.49 -2.68 -1.05
CB DBU A 18 -0.68 -2.84 0.33
CG DBU A 18 0.18 -2.22 1.40
C DBU A 18 -1.41 -3.35 -2.04
O DBU A 18 -1.70 -4.54 -1.95
H DBU A 18 1.41 -2.30 -1.78
HB DBU A 18 -1.50 -3.45 0.68
HG1 DBU A 18 0.62 -3.00 2.01
HG2 DBU A 18 0.96 -1.64 0.94
HG3 DBU A 18 -0.42 -1.56 2.02
N CYS A 19 -1.88 -2.56 -3.00
CA CYS A 19 -2.79 -3.09 -4.02
C CYS A 19 -2.43 -2.52 -5.39
N CYS A 20 -2.08 -1.23 -5.43
CA CYS A 20 -1.72 -0.59 -6.70
C CYS A 20 -0.33 -1.01 -7.14
N GLY A 1 -0.19 -8.41 3.05
CA GLY A 1 0.17 -7.45 4.14
C GLY A 1 -0.65 -6.17 3.98
N ARG A 2 -1.08 -5.61 5.11
CA ARG A 2 -1.86 -4.39 5.09
C ARG A 2 -1.05 -3.24 4.51
N ILE A 3 0.24 -3.21 4.82
CA ILE A 3 1.11 -2.16 4.33
C ILE A 3 2.05 -2.70 3.25
N ASP A 4 1.81 -3.93 2.83
CA ASP A 4 2.64 -4.56 1.80
C ASP A 4 2.81 -3.62 0.62
N DBU A 5 4.05 -3.17 0.39
CA DBU A 5 4.32 -2.29 -0.68
CB DBU A 5 4.93 -2.58 -1.90
CG DBU A 5 5.44 -3.94 -2.31
C DBU A 5 3.84 -0.89 -0.36
O DBU A 5 4.53 0.09 -0.62
H DBU A 5 4.78 -3.44 0.98
HB DBU A 5 5.07 -1.79 -2.61
HG1 DBU A 5 4.61 -4.53 -2.70
HG2 DBU A 5 6.19 -3.84 -3.09
HG3 DBU A 5 5.87 -4.44 -1.46
N CYS A 6 2.65 -0.81 0.23
CA CYS A 6 2.09 0.47 0.58
C CYS A 6 2.97 1.19 1.60
N PRO A 7 3.12 2.48 1.46
CA PRO A 7 3.96 3.30 2.37
C PRO A 7 3.36 3.40 3.78
N ALA A 8 3.51 2.33 4.56
CA ALA A 8 2.98 2.32 5.92
C ALA A 8 1.46 2.27 5.90
N GLY A 9 0.85 3.19 5.17
CA GLY A 9 -0.60 3.24 5.08
C GLY A 9 -1.21 1.86 5.20
N GLY A 10 -2.11 1.69 6.16
CA GLY A 10 -2.76 0.39 6.37
C GLY A 10 -3.56 -0.02 5.15
N GLY A 11 -4.31 0.93 4.59
CA GLY A 11 -5.12 0.66 3.41
C GLY A 11 -4.25 0.33 2.21
N DBB A 12 -3.17 1.10 2.04
CA DBB A 12 -2.25 0.88 0.92
C DBB A 12 -3.04 0.68 -0.37
O DBB A 12 -2.51 0.16 -1.35
CB DBB A 12 -1.31 2.08 0.77
CG DBB A 12 -0.87 2.18 -0.68
H DBB A 12 -2.99 1.82 2.68
HA DBB A 12 -1.67 -0.01 1.12
HB2 DBB A 12 -1.83 2.99 1.05
HG1 DBB A 12 -0.21 1.36 -0.92
HG2 DBB A 12 -0.35 3.11 -0.82
HG3 DBB A 12 -1.73 2.15 -1.33
N DAL A 13 -4.29 1.10 -0.37
CA DAL A 13 -5.14 0.96 -1.56
CB DAL A 13 -5.39 -0.51 -1.84
C DAL A 13 -4.47 1.63 -2.77
O DAL A 13 -3.24 1.66 -2.84
H DAL A 13 -4.66 1.53 0.44
HA DAL A 13 -6.08 1.45 -1.36
HB1 DAL A 13 -4.56 -1.10 -1.50
HB2 DAL A 13 -6.29 -0.83 -1.32
N GLU A 14 -5.26 2.13 -3.71
CA GLU A 14 -4.72 2.78 -4.89
C GLU A 14 -3.62 3.76 -4.50
N GLN A 15 -3.54 4.08 -3.22
CA GLN A 15 -2.53 5.01 -2.72
C GLN A 15 -1.13 4.51 -3.07
N DBB A 16 -0.98 3.19 -3.15
CA DBB A 16 0.30 2.60 -3.48
C DBB A 16 0.30 1.10 -3.15
O DBB A 16 -0.70 0.56 -2.69
CB DBB A 16 0.61 2.79 -4.96
CG DBB A 16 1.16 4.21 -5.17
H DBB A 16 -1.76 2.61 -3.00
HA DBB A 16 1.07 3.08 -2.89
HB2 DBB A 16 1.36 2.08 -5.28
HG1 DBB A 16 1.90 4.20 -5.94
HG2 DBB A 16 1.60 4.56 -4.24
HG3 DBB A 16 0.35 4.87 -5.45
N GLY A 17 1.42 0.44 -3.41
CA GLY A 17 1.54 -0.99 -3.15
C GLY A 17 0.18 -1.59 -2.82
N DBU A 18 0.04 -2.13 -1.62
CA DBU A 18 -1.17 -2.71 -1.21
CB DBU A 18 -1.68 -2.87 0.10
CG DBU A 18 -0.96 -2.44 1.35
C DBU A 18 -1.97 -3.19 -2.39
O DBU A 18 -1.80 -4.31 -2.88
H DBU A 18 0.79 -2.12 -0.99
HB DBU A 18 -2.63 -3.35 0.22
HG1 DBU A 18 -1.58 -1.72 1.88
HG2 DBU A 18 -0.79 -3.29 1.98
HG3 DBU A 18 -0.02 -1.98 1.09
N CYS A 19 -2.84 -2.31 -2.90
CA CYS A 19 -3.67 -2.65 -4.04
C CYS A 19 -3.39 -1.76 -5.25
N CYS A 20 -2.54 -0.76 -5.08
CA CYS A 20 -2.21 0.15 -6.19
C CYS A 20 -2.28 -0.58 -7.52
N GLY A 1 7.74 -6.42 -0.78
CA GLY A 1 7.77 -5.08 -0.14
C GLY A 1 6.47 -4.34 -0.42
N ARG A 2 5.36 -4.92 0.05
CA ARG A 2 4.06 -4.31 -0.17
C ARG A 2 3.97 -2.96 0.55
N ILE A 3 4.55 -2.89 1.74
CA ILE A 3 4.53 -1.66 2.52
C ILE A 3 5.34 -0.58 1.82
N ASP A 4 6.27 -0.98 0.97
CA ASP A 4 7.11 -0.03 0.24
C ASP A 4 6.25 0.85 -0.65
N DBU A 5 5.29 0.24 -1.35
CA DBU A 5 4.44 0.96 -2.21
CB DBU A 5 4.37 0.94 -3.60
CG DBU A 5 5.26 0.10 -4.50
C DBU A 5 3.51 1.84 -1.39
O DBU A 5 3.31 3.02 -1.68
H DBU A 5 5.17 -0.73 -1.26
HB DBU A 5 3.65 1.56 -4.10
HG1 DBU A 5 5.40 -0.88 -4.05
HG2 DBU A 5 4.79 0.00 -5.46
HG3 DBU A 5 6.22 0.58 -4.62
N CYS A 6 2.93 1.22 -0.36
CA CYS A 6 2.01 1.94 0.51
C CYS A 6 2.63 2.12 1.89
N PRO A 7 3.21 3.27 2.15
CA PRO A 7 3.85 3.56 3.46
C PRO A 7 2.88 3.37 4.63
N ALA A 8 3.28 2.56 5.59
CA ALA A 8 2.44 2.29 6.76
C ALA A 8 0.96 2.51 6.43
N GLY A 9 0.56 2.07 5.24
CA GLY A 9 -0.83 2.21 4.81
C GLY A 9 -1.52 0.87 4.77
N GLY A 10 -2.55 0.72 5.60
CA GLY A 10 -3.30 -0.54 5.65
C GLY A 10 -4.02 -0.80 4.33
N GLY A 11 -4.74 0.21 3.86
CA GLY A 11 -5.47 0.08 2.60
C GLY A 11 -4.51 -0.11 1.44
N DBB A 12 -3.51 0.74 1.39
CA DBB A 12 -2.50 0.68 0.33
C DBB A 12 -3.15 0.31 -0.99
O DBB A 12 -2.48 -0.25 -1.86
CB DBB A 12 -1.83 2.05 0.20
CG DBB A 12 -1.31 2.19 -1.23
H DBB A 12 -3.44 1.44 2.06
HA DBB A 12 -1.76 -0.06 0.59
HB2 DBB A 12 -2.56 2.82 0.38
HG1 DBB A 12 -1.05 1.22 -1.62
HG2 DBB A 12 -0.43 2.83 -1.24
HG3 DBB A 12 -2.07 2.63 -1.85
N DAL A 13 -4.44 0.61 -1.12
CA DAL A 13 -5.18 0.31 -2.34
CB DAL A 13 -4.57 -0.89 -3.00
C DAL A 13 -5.18 1.49 -3.32
O DAL A 13 -4.49 1.42 -4.35
H DAL A 13 -4.91 1.04 -0.39
HA DAL A 13 -6.21 0.06 -2.08
HB1 DAL A 13 -5.20 -1.22 -3.83
HB2 DAL A 13 -3.60 -0.64 -3.37
N GLU A 14 -5.92 2.54 -3.02
CA GLU A 14 -5.96 3.70 -3.92
C GLU A 14 -4.60 4.38 -3.98
N GLN A 15 -3.90 4.36 -2.86
CA GLN A 15 -2.58 4.98 -2.77
C GLN A 15 -1.61 4.28 -3.72
N DBB A 16 -1.82 2.98 -3.95
CA DBB A 16 -0.95 2.22 -4.84
C DBB A 16 -0.35 1.01 -4.12
O DBB A 16 -1.07 0.24 -3.49
CB DBB A 16 -1.73 1.74 -6.07
CG DBB A 16 -2.82 2.78 -6.40
H DBB A 16 -2.58 2.53 -3.52
HA DBB A 16 -0.14 2.86 -5.18
HB2 DBB A 16 -1.08 1.64 -6.92
HG1 DBB A 16 -2.38 3.76 -6.42
HG2 DBB A 16 -3.59 2.74 -5.64
HG3 DBB A 16 -3.25 2.55 -7.36
N GLY A 17 0.97 0.86 -4.23
CA GLY A 17 1.68 -0.24 -3.59
C GLY A 17 0.72 -1.29 -3.04
N DBU A 18 0.88 -1.64 -1.77
CA DBU A 18 0.06 -2.59 -1.13
CB DBU A 18 -0.15 -2.79 0.24
CG DBU A 18 0.49 -2.01 1.36
C DBU A 18 -0.67 -3.48 -2.11
O DBU A 18 -0.10 -4.35 -2.77
H DBU A 18 1.60 -1.23 -1.24
HB DBU A 18 -0.82 -3.58 0.55
HG1 DBU A 18 0.77 -2.67 2.17
HG2 DBU A 18 1.37 -1.51 0.99
HG3 DBU A 18 -0.21 -1.28 1.73
N CYS A 19 -1.97 -3.24 -2.18
CA CYS A 19 -2.83 -4.01 -3.07
C CYS A 19 -2.38 -3.85 -4.51
N CYS A 20 -1.98 -2.63 -4.87
CA CYS A 20 -1.51 -2.36 -6.23
C CYS A 20 -0.29 -3.22 -6.55
N GLY A 1 7.01 -5.89 -2.69
CA GLY A 1 5.58 -5.77 -3.12
C GLY A 1 4.76 -5.18 -1.98
N ARG A 2 4.64 -5.92 -0.89
CA ARG A 2 3.89 -5.45 0.27
C ARG A 2 4.55 -4.23 0.89
N ILE A 3 3.75 -3.40 1.55
CA ILE A 3 4.27 -2.20 2.19
C ILE A 3 5.21 -1.45 1.24
N ASP A 4 5.16 -1.82 -0.03
CA ASP A 4 6.01 -1.17 -1.03
C ASP A 4 5.22 -0.10 -1.79
N DBU A 5 5.38 1.15 -1.38
CA DBU A 5 4.70 2.23 -2.00
CB DBU A 5 4.87 2.71 -3.31
CG DBU A 5 5.83 2.15 -4.33
C DBU A 5 3.71 2.84 -1.06
O DBU A 5 3.43 4.04 -1.13
H DBU A 5 5.99 1.36 -0.63
HB DBU A 5 4.26 3.54 -3.63
HG1 DBU A 5 5.50 1.17 -4.64
HG2 DBU A 5 5.86 2.80 -5.19
HG3 DBU A 5 6.82 2.08 -3.90
N CYS A 6 3.18 2.03 -0.16
CA CYS A 6 2.20 2.50 0.82
C CYS A 6 2.60 2.09 2.22
N PRO A 7 3.75 2.51 2.68
CA PRO A 7 4.26 2.18 4.03
C PRO A 7 3.32 2.67 5.14
N ALA A 8 3.15 1.85 6.17
CA ALA A 8 2.28 2.21 7.29
C ALA A 8 1.01 2.88 6.78
N GLY A 9 0.72 2.70 5.49
CA GLY A 9 -0.46 3.30 4.89
C GLY A 9 -1.73 2.51 5.25
N GLY A 10 -1.54 1.21 5.50
CA GLY A 10 -2.67 0.35 5.84
C GLY A 10 -3.34 -0.21 4.59
N GLY A 11 -4.34 0.52 4.07
CA GLY A 11 -5.03 0.08 2.88
C GLY A 11 -4.09 0.03 1.68
N DBB A 12 -3.19 1.00 1.60
CA DBB A 12 -2.24 1.05 0.49
C DBB A 12 -2.84 0.46 -0.77
O DBB A 12 -2.14 -0.15 -1.58
CB DBB A 12 -1.82 2.50 0.23
CG DBB A 12 -1.42 2.65 -1.25
H DBB A 12 -3.17 1.69 2.29
HA DBB A 12 -1.36 0.48 0.76
HB2 DBB A 12 -2.65 3.17 0.44
HG1 DBB A 12 -0.74 3.48 -1.35
HG2 DBB A 12 -2.31 2.82 -1.83
HG3 DBB A 12 -0.94 1.73 -1.56
N DAL A 13 -4.15 0.64 -0.94
CA DAL A 13 -4.84 0.11 -2.10
CB DAL A 13 -4.21 -1.22 -2.52
C DAL A 13 -4.76 1.07 -3.29
O DAL A 13 -3.81 1.00 -4.07
H DAL A 13 -4.66 1.13 -0.26
HA DAL A 13 -5.88 -0.08 -1.85
HB1 DAL A 13 -3.61 -1.07 -3.41
HB2 DAL A 13 -3.58 -1.59 -1.74
N GLU A 14 -5.75 1.96 -3.43
CA GLU A 14 -5.75 2.90 -4.55
C GLU A 14 -4.60 3.91 -4.40
N GLN A 15 -4.11 4.05 -3.18
CA GLN A 15 -3.02 4.98 -2.92
C GLN A 15 -1.75 4.54 -3.65
N DBB A 16 -1.60 3.24 -3.81
CA DBB A 16 -0.43 2.70 -4.49
C DBB A 16 -0.08 1.31 -3.96
O DBB A 16 -0.89 0.38 -4.05
CB DBB A 16 -0.69 2.61 -6.00
CG DBB A 16 -0.59 4.01 -6.60
H DBB A 16 -2.29 2.62 -3.47
HA DBB A 16 0.41 3.35 -4.33
HB2 DBB A 16 0.04 1.97 -6.48
HG1 DBB A 16 -1.57 4.40 -6.81
HG2 DBB A 16 0.00 3.97 -7.52
HG3 DBB A 16 -0.09 4.67 -5.89
N GLY A 17 1.12 1.17 -3.41
CA GLY A 17 1.55 -0.11 -2.87
C GLY A 17 0.53 -0.69 -1.90
N DBU A 18 0.26 -1.99 -2.04
CA DBU A 18 -0.67 -2.63 -1.19
CB DBU A 18 -0.77 -2.58 0.20
CG DBU A 18 0.15 -1.79 1.10
C DBU A 18 -1.65 -3.44 -2.02
O DBU A 18 -1.88 -4.62 -1.74
H DBU A 18 0.71 -2.51 -2.73
HB DBU A 18 -1.56 -3.13 0.69
HG1 DBU A 18 1.18 -2.05 0.87
HG2 DBU A 18 0.00 -0.73 0.95
HG3 DBU A 18 -0.05 -2.05 2.13
N CYS A 19 -2.22 -2.80 -3.02
CA CYS A 19 -3.19 -3.47 -3.89
C CYS A 19 -3.60 -2.56 -5.04
N CYS A 20 -2.71 -1.65 -5.40
CA CYS A 20 -2.98 -0.72 -6.51
C CYS A 20 -3.23 -1.50 -7.80
N GLY A 1 3.35 -7.88 5.45
CA GLY A 1 3.91 -7.26 4.20
C GLY A 1 2.83 -6.38 3.55
N ARG A 2 1.74 -6.16 4.27
CA ARG A 2 0.66 -5.34 3.75
C ARG A 2 1.02 -3.85 3.83
N ILE A 3 2.32 -3.57 3.95
CA ILE A 3 2.78 -2.19 4.02
C ILE A 3 4.08 -2.03 3.24
N ASP A 4 4.54 -3.11 2.62
CA ASP A 4 5.78 -3.06 1.85
C ASP A 4 5.61 -2.17 0.63
N DBU A 5 4.43 -2.20 0.02
CA DBU A 5 4.17 -1.41 -1.11
CB DBU A 5 4.12 -1.80 -2.45
CG DBU A 5 4.36 -3.20 -2.96
C DBU A 5 3.91 0.03 -0.71
O DBU A 5 4.73 0.91 -0.93
H DBU A 5 3.72 -2.79 0.37
HB DBU A 5 3.90 -1.05 -3.20
HG1 DBU A 5 3.76 -3.38 -3.83
HG2 DBU A 5 5.40 -3.32 -3.19
HG3 DBU A 5 4.08 -3.91 -2.19
N CYS A 6 2.75 0.26 -0.11
CA CYS A 6 2.38 1.59 0.33
C CYS A 6 2.66 1.73 1.83
N PRO A 7 3.83 2.17 2.17
CA PRO A 7 4.25 2.32 3.60
C PRO A 7 3.39 3.33 4.35
N ALA A 8 3.07 3.02 5.60
CA ALA A 8 2.26 3.91 6.41
C ALA A 8 0.91 4.17 5.74
N GLY A 9 0.67 3.48 4.63
CA GLY A 9 -0.59 3.65 3.90
C GLY A 9 -1.63 2.64 4.38
N GLY A 10 -1.28 1.86 5.39
CA GLY A 10 -2.18 0.86 5.94
C GLY A 10 -2.87 0.09 4.81
N GLY A 11 -4.15 0.37 4.60
CA GLY A 11 -4.90 -0.31 3.55
C GLY A 11 -4.00 -0.69 2.39
N DBB A 12 -3.63 0.29 1.57
CA DBB A 12 -2.76 0.05 0.43
C DBB A 12 -3.58 0.02 -0.86
O DBB A 12 -3.24 -0.70 -1.80
CB DBB A 12 -1.69 1.14 0.33
CG DBB A 12 -1.90 1.92 -0.95
H DBB A 12 -3.95 1.21 1.75
HA DBB A 12 -2.27 -0.90 0.56
HB2 DBB A 12 -1.79 1.82 1.18
HG1 DBB A 12 -2.95 2.12 -1.10
HG2 DBB A 12 -1.53 1.34 -1.79
HG3 DBB A 12 -1.36 2.86 -0.90
N DAL A 13 -4.65 0.80 -0.90
CA DAL A 13 -5.50 0.85 -2.08
CB DAL A 13 -5.73 -0.56 -2.62
C DAL A 13 -4.84 1.74 -3.14
O DAL A 13 -3.61 1.80 -3.20
H DAL A 13 -4.87 1.35 -0.11
HA DAL A 13 -6.46 1.28 -1.80
HB1 DAL A 13 -5.49 -1.28 -1.85
HB2 DAL A 13 -6.76 -0.67 -2.92
N GLU A 14 -5.64 2.42 -3.95
CA GLU A 14 -5.09 3.30 -4.99
C GLU A 14 -3.95 4.14 -4.43
N GLN A 15 -3.86 4.20 -3.10
CA GLN A 15 -2.80 4.96 -2.45
C GLN A 15 -1.43 4.45 -2.85
N DBB A 16 -1.39 3.22 -3.36
CA DBB A 16 -0.14 2.62 -3.81
C DBB A 16 -0.09 1.15 -3.46
O DBB A 16 -1.06 0.42 -3.66
CB DBB A 16 0.01 2.80 -5.32
CG DBB A 16 0.10 4.29 -5.64
H DBB A 16 -2.22 2.71 -3.44
HA DBB A 16 0.68 3.14 -3.31
HB2 DBB A 16 0.93 2.32 -5.66
HG1 DBB A 16 -0.56 4.52 -6.46
HG2 DBB A 16 1.10 4.56 -5.91
HG3 DBB A 16 -0.20 4.87 -4.77
N GLY A 17 1.05 0.70 -2.93
CA GLY A 17 1.21 -0.70 -2.57
C GLY A 17 -0.08 -1.26 -1.95
N DBU A 18 -0.06 -2.55 -1.65
CA DBU A 18 -1.19 -3.18 -1.08
CB DBU A 18 -1.49 -3.37 0.27
CG DBU A 18 -0.62 -2.94 1.42
C DBU A 18 -2.14 -3.65 -2.16
O DBU A 18 -2.69 -4.75 -2.10
H DBU A 18 0.74 -3.09 -1.82
HB DBU A 18 -2.41 -3.88 0.53
HG1 DBU A 18 0.15 -2.27 1.06
HG2 DBU A 18 -1.22 -2.43 2.16
HG3 DBU A 18 -0.16 -3.81 1.87
N CYS A 19 -2.33 -2.80 -3.17
CA CYS A 19 -3.22 -3.14 -4.28
C CYS A 19 -2.72 -2.53 -5.59
N CYS A 20 -2.25 -1.29 -5.53
CA CYS A 20 -1.75 -0.61 -6.73
C CYS A 20 -1.20 -1.63 -7.72
#